data_1TMH
#
_entry.id   1TMH
#
_cell.length_a   63.640
_cell.length_b   118.310
_cell.length_c   58.980
_cell.angle_alpha   90.00
_cell.angle_beta   90.30
_cell.angle_gamma   90.00
#
_symmetry.space_group_name_H-M   'P 1 21 1'
#
loop_
_entity.id
_entity.type
_entity.pdbx_description
1 polymer 'TRIOSEPHOSPHATE ISOMERASE'
2 non-polymer 'SULFATE ION'
#
_entity_poly.entity_id   1
_entity_poly.type   'polypeptide(L)'
_entity_poly.pdbx_seq_one_letter_code
;MRHPLVMGNWKLNGSRHMVHELVSNLRKELAGVAGCAVAIAPPEMYIDMAKREAEGSHIMLGAQNVDLNLSGAFTGETSA
AMLKDIGAQYIIIGHSERRTYHKESDELIAKKFAVLKEQGLTPVLCIGETEAENEAGKTEEVCARQIDAVLKTQGAAAFE
GAVIAYEPVWAIGTGKSATPAQAQAVHKFIRDHIAKVDANIAEQVIIQYGGSVNASNAAELFAQHDVDGFLVGGASLKPE
FVDIINAAEAAKQA
;
_entity_poly.pdbx_strand_id   A,B,C,D
#
loop_
_chem_comp.id
_chem_comp.type
_chem_comp.name
_chem_comp.formula
SO4 non-polymer 'SULFATE ION' 'O4 S -2'
#
# COMPACT_ATOMS: atom_id res chain seq x y z
N MET A 1 25.90 12.16 22.45
CA MET A 1 24.69 11.37 22.47
C MET A 1 23.96 11.64 21.15
N ARG A 2 22.98 12.57 21.03
CA ARG A 2 22.25 12.91 19.80
C ARG A 2 23.05 13.87 18.92
N HIS A 3 23.15 13.68 17.59
CA HIS A 3 23.90 14.61 16.77
C HIS A 3 23.09 15.85 16.45
N PRO A 4 23.50 17.06 16.90
CA PRO A 4 22.73 18.28 16.75
C PRO A 4 22.38 18.71 15.30
N LEU A 5 21.23 19.36 15.17
CA LEU A 5 20.76 19.85 13.90
C LEU A 5 20.47 21.33 14.09
N VAL A 6 21.06 22.19 13.26
CA VAL A 6 20.61 23.59 13.22
C VAL A 6 19.84 23.67 11.90
N MET A 7 18.53 23.93 11.84
CA MET A 7 17.89 24.05 10.54
C MET A 7 17.40 25.45 10.31
N GLY A 8 17.60 26.04 9.13
CA GLY A 8 17.12 27.39 8.85
C GLY A 8 15.85 27.46 8.02
N ASN A 9 14.75 27.88 8.61
CA ASN A 9 13.53 28.06 7.88
C ASN A 9 13.57 29.50 7.36
N TRP A 10 13.84 29.67 6.05
CA TRP A 10 13.84 30.97 5.36
C TRP A 10 12.50 31.72 5.21
N LYS A 11 11.38 31.01 5.30
CA LYS A 11 10.04 31.57 5.28
C LYS A 11 9.82 32.30 3.98
N LEU A 12 8.98 33.33 3.85
CA LEU A 12 8.73 34.00 2.57
C LEU A 12 9.78 35.04 2.18
N ASN A 13 10.93 34.50 1.86
CA ASN A 13 12.11 35.23 1.58
C ASN A 13 12.94 34.32 0.73
N GLY A 14 13.28 34.70 -0.47
CA GLY A 14 14.16 33.94 -1.33
C GLY A 14 14.16 34.66 -2.67
N SER A 15 15.13 34.41 -3.49
CA SER A 15 15.18 34.97 -4.81
C SER A 15 16.29 34.22 -5.51
N ARG A 16 16.45 34.28 -6.83
CA ARG A 16 17.55 33.61 -7.51
C ARG A 16 18.90 34.12 -7.02
N HIS A 17 18.92 35.43 -6.66
CA HIS A 17 20.15 36.10 -6.22
C HIS A 17 20.54 35.74 -4.81
N MET A 18 19.52 35.81 -3.93
CA MET A 18 19.73 35.51 -2.56
C MET A 18 20.10 34.04 -2.48
N VAL A 19 19.43 33.13 -3.14
CA VAL A 19 19.85 31.73 -3.10
C VAL A 19 21.29 31.59 -3.65
N HIS A 20 21.66 32.27 -4.73
CA HIS A 20 23.02 32.12 -5.20
C HIS A 20 23.96 32.57 -4.14
N GLU A 21 23.74 33.71 -3.55
CA GLU A 21 24.66 34.23 -2.56
C GLU A 21 24.79 33.44 -1.26
N LEU A 22 23.69 33.34 -0.48
CA LEU A 22 23.73 32.71 0.83
C LEU A 22 24.33 31.34 0.71
N VAL A 23 23.79 30.47 -0.13
CA VAL A 23 24.23 29.09 -0.16
C VAL A 23 25.64 28.88 -0.63
N SER A 24 26.11 29.71 -1.55
CA SER A 24 27.50 29.54 -1.97
C SER A 24 28.42 30.06 -0.85
N ASN A 25 28.08 31.15 -0.16
CA ASN A 25 28.85 31.60 1.00
C ASN A 25 28.85 30.54 2.13
N LEU A 26 27.71 30.01 2.53
CA LEU A 26 27.56 28.92 3.50
C LEU A 26 28.38 27.73 3.14
N ARG A 27 28.37 27.39 1.88
CA ARG A 27 29.12 26.26 1.40
C ARG A 27 30.57 26.55 1.71
N LYS A 28 31.11 27.77 1.56
CA LYS A 28 32.57 27.89 1.80
C LYS A 28 32.78 28.09 3.28
N GLU A 29 31.81 28.71 3.93
CA GLU A 29 31.89 29.00 5.33
C GLU A 29 31.74 27.73 6.15
N LEU A 30 31.11 26.68 5.68
CA LEU A 30 30.82 25.53 6.49
C LEU A 30 31.61 24.35 6.01
N ALA A 31 32.85 24.62 5.61
CA ALA A 31 33.66 23.50 5.10
C ALA A 31 34.34 22.73 6.23
N GLY A 32 34.20 21.41 6.31
CA GLY A 32 34.83 20.66 7.39
C GLY A 32 34.13 20.69 8.76
N VAL A 33 32.94 21.32 8.78
CA VAL A 33 32.04 21.36 9.92
C VAL A 33 31.52 19.94 10.04
N ALA A 34 31.77 19.32 11.19
CA ALA A 34 31.30 17.96 11.40
C ALA A 34 30.54 17.78 12.70
N GLY A 35 30.49 18.76 13.61
CA GLY A 35 29.79 18.53 14.89
C GLY A 35 28.30 18.83 14.93
N CYS A 36 27.84 19.53 13.90
CA CYS A 36 26.47 19.93 13.78
C CYS A 36 25.93 19.42 12.43
N ALA A 37 24.62 19.25 12.21
CA ALA A 37 23.98 18.87 10.95
C ALA A 37 23.25 20.17 10.63
N VAL A 38 23.25 20.62 9.36
CA VAL A 38 22.69 21.91 8.90
C VAL A 38 21.70 21.64 7.80
N ALA A 39 20.60 22.34 7.77
CA ALA A 39 19.72 22.23 6.65
C ALA A 39 19.10 23.64 6.43
N ILE A 40 18.75 23.92 5.19
CA ILE A 40 18.05 25.17 4.91
C ILE A 40 16.70 24.78 4.24
N ALA A 41 15.65 25.54 4.43
CA ALA A 41 14.44 25.37 3.69
C ALA A 41 14.24 26.71 2.95
N PRO A 42 14.66 26.80 1.68
CA PRO A 42 14.33 27.82 0.72
C PRO A 42 12.86 27.67 0.38
N PRO A 43 12.21 28.77 -0.01
CA PRO A 43 10.93 28.70 -0.68
C PRO A 43 10.98 27.67 -1.80
N GLU A 44 9.93 26.84 -1.90
CA GLU A 44 9.83 25.72 -2.81
C GLU A 44 10.42 25.88 -4.19
N MET A 45 10.07 26.93 -4.95
CA MET A 45 10.68 27.11 -6.28
C MET A 45 12.23 27.25 -6.32
N TYR A 46 12.91 27.45 -5.19
CA TYR A 46 14.34 27.59 -5.05
C TYR A 46 14.93 26.34 -4.46
N ILE A 47 14.24 25.22 -4.04
CA ILE A 47 14.90 24.04 -3.40
C ILE A 47 15.88 23.41 -4.33
N ASP A 48 15.51 23.31 -5.58
CA ASP A 48 16.39 22.67 -6.54
C ASP A 48 17.68 23.47 -6.75
N MET A 49 17.55 24.80 -6.84
CA MET A 49 18.69 25.65 -7.13
C MET A 49 19.73 25.60 -6.00
N ALA A 50 19.25 25.71 -4.75
CA ALA A 50 20.02 25.62 -3.54
C ALA A 50 20.53 24.22 -3.41
N LYS A 51 19.88 23.22 -3.95
CA LYS A 51 20.36 21.87 -3.91
C LYS A 51 21.60 21.79 -4.79
N ARG A 52 21.60 22.39 -5.96
CA ARG A 52 22.76 22.36 -6.83
C ARG A 52 23.87 23.22 -6.24
N GLU A 53 23.58 24.39 -5.76
CA GLU A 53 24.58 25.22 -5.09
C GLU A 53 25.22 24.66 -3.84
N ALA A 54 24.54 23.76 -3.13
CA ALA A 54 25.06 23.25 -1.87
C ALA A 54 25.91 22.02 -2.15
N GLU A 55 25.97 21.51 -3.40
CA GLU A 55 26.80 20.36 -3.75
C GLU A 55 28.27 20.61 -3.44
N GLY A 56 28.91 19.58 -2.91
CA GLY A 56 30.28 19.69 -2.45
C GLY A 56 30.36 19.85 -0.94
N SER A 57 29.30 20.44 -0.34
CA SER A 57 29.13 20.57 1.10
C SER A 57 28.12 19.57 1.62
N HIS A 58 27.73 19.66 2.87
CA HIS A 58 26.82 18.70 3.48
C HIS A 58 25.54 19.36 3.98
N ILE A 59 25.26 20.53 3.45
CA ILE A 59 24.04 21.23 3.72
C ILE A 59 23.02 20.29 3.07
N MET A 60 22.04 20.11 3.95
CA MET A 60 20.88 19.28 3.76
C MET A 60 19.80 20.23 3.35
N LEU A 61 18.93 19.79 2.44
CA LEU A 61 17.81 20.65 2.07
C LEU A 61 16.56 20.21 2.72
N GLY A 62 15.74 21.18 3.03
CA GLY A 62 14.47 20.97 3.65
C GLY A 62 13.37 21.69 2.90
N ALA A 63 12.12 21.67 3.37
CA ALA A 63 10.99 22.34 2.71
C ALA A 63 10.08 22.82 3.82
N GLN A 64 9.18 23.78 3.57
CA GLN A 64 8.37 24.35 4.65
C GLN A 64 6.93 23.77 4.80
N ASN A 65 6.56 22.88 3.87
CA ASN A 65 5.30 22.19 3.99
C ASN A 65 5.21 20.99 3.04
N VAL A 66 4.18 20.17 3.17
CA VAL A 66 3.80 19.07 2.29
C VAL A 66 2.30 19.13 2.36
N ASP A 67 1.59 18.57 1.37
CA ASP A 67 0.16 18.36 1.52
C ASP A 67 -0.12 16.88 1.63
N LEU A 68 -1.38 16.45 1.54
CA LEU A 68 -1.55 15.04 1.80
C LEU A 68 -1.49 14.09 0.63
N ASN A 69 -1.49 14.60 -0.62
CA ASN A 69 -1.58 13.74 -1.80
C ASN A 69 -0.25 13.65 -2.50
N LEU A 70 0.17 12.46 -2.93
CA LEU A 70 1.40 12.22 -3.65
C LEU A 70 1.40 12.52 -5.14
N SER A 71 0.25 12.39 -5.83
CA SER A 71 0.07 12.58 -7.29
C SER A 71 -1.44 12.53 -7.58
N GLY A 72 -1.66 13.10 -8.79
CA GLY A 72 -2.97 13.15 -9.39
C GLY A 72 -3.53 14.55 -9.52
N ALA A 73 -4.87 14.57 -9.54
CA ALA A 73 -5.62 15.77 -9.82
C ALA A 73 -5.64 16.77 -8.68
N PHE A 74 -4.51 17.23 -8.12
CA PHE A 74 -4.53 18.12 -6.99
C PHE A 74 -3.73 19.39 -7.29
N THR A 75 -4.43 20.33 -7.89
CA THR A 75 -3.86 21.58 -8.26
C THR A 75 -3.49 22.34 -7.02
N GLY A 76 -2.29 22.77 -7.20
CA GLY A 76 -1.74 23.69 -6.24
C GLY A 76 -1.14 23.00 -5.06
N GLU A 77 -0.85 21.69 -5.07
CA GLU A 77 -0.36 20.98 -3.88
C GLU A 77 1.11 20.61 -3.84
N THR A 78 1.54 20.06 -2.70
CA THR A 78 2.91 19.67 -2.61
C THR A 78 3.09 18.21 -2.29
N SER A 79 3.60 17.49 -3.29
CA SER A 79 3.82 16.09 -3.04
C SER A 79 5.13 15.87 -2.33
N ALA A 80 5.01 14.98 -1.38
CA ALA A 80 6.10 14.46 -0.60
C ALA A 80 7.00 13.62 -1.48
N ALA A 81 6.41 12.99 -2.48
CA ALA A 81 7.15 12.15 -3.37
C ALA A 81 7.98 13.03 -4.25
N MET A 82 7.49 14.27 -4.50
CA MET A 82 8.19 15.16 -5.38
C MET A 82 9.25 15.89 -4.56
N LEU A 83 8.94 16.46 -3.39
CA LEU A 83 9.89 16.97 -2.44
C LEU A 83 11.04 15.99 -2.30
N LYS A 84 10.75 14.73 -1.98
CA LYS A 84 11.78 13.70 -2.05
C LYS A 84 12.66 13.69 -3.32
N ASP A 85 12.05 13.73 -4.53
CA ASP A 85 12.67 13.72 -5.87
C ASP A 85 13.64 14.88 -6.09
N ILE A 86 13.16 16.04 -5.66
CA ILE A 86 13.92 17.22 -5.82
C ILE A 86 15.09 17.32 -4.84
N GLY A 87 15.18 16.46 -3.82
CA GLY A 87 16.27 16.47 -2.87
C GLY A 87 15.97 17.10 -1.49
N ALA A 88 14.70 17.28 -1.02
CA ALA A 88 14.46 17.79 0.33
C ALA A 88 14.41 16.59 1.26
N GLN A 89 14.96 16.71 2.47
CA GLN A 89 14.91 15.71 3.53
C GLN A 89 14.06 16.13 4.74
N TYR A 90 14.23 17.36 5.19
CA TYR A 90 13.64 17.89 6.40
C TYR A 90 12.47 18.74 6.02
N ILE A 91 11.27 18.28 6.35
CA ILE A 91 10.11 19.05 5.96
C ILE A 91 9.53 19.62 7.20
N ILE A 92 9.44 20.93 7.28
CA ILE A 92 8.81 21.54 8.42
C ILE A 92 7.34 21.26 8.31
N ILE A 93 6.64 20.80 9.37
CA ILE A 93 5.16 20.73 9.36
C ILE A 93 4.61 21.31 10.68
N GLY A 94 3.55 22.10 10.68
CA GLY A 94 2.97 22.50 11.95
C GLY A 94 3.53 23.75 12.58
N HIS A 95 4.17 24.53 11.76
CA HIS A 95 4.70 25.79 12.19
C HIS A 95 3.54 26.74 12.52
N SER A 96 3.62 27.63 13.51
CA SER A 96 2.54 28.50 13.94
C SER A 96 1.81 29.34 12.92
N GLU A 97 2.55 29.58 11.85
CA GLU A 97 2.11 30.37 10.72
C GLU A 97 1.13 29.60 9.84
N ARG A 98 1.28 28.29 9.77
CA ARG A 98 0.35 27.43 9.06
C ARG A 98 -0.78 27.17 10.04
N ARG A 99 -0.52 26.88 11.32
CA ARG A 99 -1.52 26.69 12.34
C ARG A 99 -2.40 27.90 12.54
N THR A 100 -1.90 29.13 12.61
CA THR A 100 -2.79 30.29 12.77
C THR A 100 -3.28 30.79 11.43
N TYR A 101 -2.39 31.38 10.64
CA TYR A 101 -2.76 31.89 9.34
C TYR A 101 -3.42 30.83 8.51
N HIS A 102 -2.86 29.64 8.39
CA HIS A 102 -3.54 28.72 7.54
C HIS A 102 -4.46 27.73 8.20
N LYS A 103 -4.79 28.01 9.47
CA LYS A 103 -5.72 27.21 10.24
C LYS A 103 -5.52 25.71 10.18
N GLU A 104 -4.27 25.29 10.31
CA GLU A 104 -3.89 23.91 10.06
C GLU A 104 -4.14 23.12 11.35
N SER A 105 -4.82 21.97 11.34
CA SER A 105 -5.09 21.30 12.61
C SER A 105 -4.08 20.23 12.95
N ASP A 106 -4.16 19.81 14.21
CA ASP A 106 -3.35 18.71 14.72
C ASP A 106 -3.54 17.43 13.99
N GLU A 107 -4.81 17.20 13.64
CA GLU A 107 -5.17 16.02 12.90
C GLU A 107 -4.54 16.10 11.50
N LEU A 108 -4.63 17.25 10.83
CA LEU A 108 -4.05 17.35 9.50
C LEU A 108 -2.53 17.26 9.58
N ILE A 109 -1.86 17.98 10.49
CA ILE A 109 -0.39 17.94 10.64
C ILE A 109 0.11 16.50 10.94
N ALA A 110 -0.65 15.73 11.72
CA ALA A 110 -0.37 14.33 11.97
C ALA A 110 -0.45 13.43 10.74
N LYS A 111 -1.48 13.59 9.89
CA LYS A 111 -1.59 12.84 8.64
C LYS A 111 -0.42 13.26 7.74
N LYS A 112 0.00 14.55 7.73
CA LYS A 112 1.19 14.95 7.00
C LYS A 112 2.43 14.30 7.56
N PHE A 113 2.56 14.18 8.90
CA PHE A 113 3.74 13.56 9.49
C PHE A 113 3.81 12.12 9.00
N ALA A 114 2.61 11.58 8.95
CA ALA A 114 2.40 10.23 8.52
C ALA A 114 2.92 9.97 7.14
N VAL A 115 2.57 10.83 6.17
CA VAL A 115 3.05 10.79 4.77
C VAL A 115 4.60 10.81 4.57
N LEU A 116 5.21 11.75 5.29
CA LEU A 116 6.62 12.06 5.22
C LEU A 116 7.37 10.87 5.69
N LYS A 117 7.01 10.33 6.87
CA LYS A 117 7.57 9.08 7.41
C LYS A 117 7.56 7.88 6.44
N GLU A 118 6.38 7.75 5.80
CA GLU A 118 6.05 6.69 4.87
C GLU A 118 6.85 6.73 3.58
N GLN A 119 7.20 7.95 3.25
CA GLN A 119 8.04 8.32 2.14
C GLN A 119 9.48 8.21 2.51
N GLY A 120 9.91 8.38 3.74
CA GLY A 120 11.35 8.40 4.08
C GLY A 120 11.98 9.80 4.31
N LEU A 121 11.17 10.78 4.68
CA LEU A 121 11.61 12.17 4.85
C LEU A 121 11.48 12.41 6.32
N THR A 122 12.34 13.31 6.87
CA THR A 122 12.35 13.68 8.26
C THR A 122 11.37 14.77 8.45
N PRO A 123 10.26 14.57 9.16
CA PRO A 123 9.42 15.67 9.60
C PRO A 123 10.11 16.52 10.64
N VAL A 124 9.99 17.84 10.68
CA VAL A 124 10.48 18.70 11.73
C VAL A 124 9.11 19.14 12.23
N LEU A 125 8.59 18.49 13.27
CA LEU A 125 7.26 18.83 13.74
C LEU A 125 7.36 20.03 14.69
N CYS A 126 6.72 21.13 14.34
CA CYS A 126 6.69 22.25 15.24
C CYS A 126 5.63 22.15 16.28
N ILE A 127 5.95 22.49 17.52
CA ILE A 127 4.95 22.64 18.53
C ILE A 127 5.26 23.93 19.26
N GLY A 128 4.37 24.41 20.09
CA GLY A 128 4.57 25.63 20.82
C GLY A 128 3.25 26.10 21.39
N GLU A 129 3.27 26.91 22.42
CA GLU A 129 2.11 27.45 23.04
C GLU A 129 2.23 28.94 22.80
N THR A 130 1.13 29.63 23.03
CA THR A 130 1.02 31.05 22.81
C THR A 130 1.25 31.78 24.13
N GLU A 131 1.39 33.11 24.13
CA GLU A 131 1.56 33.81 25.38
C GLU A 131 0.37 33.60 26.34
N ALA A 132 -0.88 33.65 25.87
CA ALA A 132 -2.10 33.35 26.64
C ALA A 132 -2.12 32.02 27.36
N GLU A 133 -1.73 30.99 26.61
CA GLU A 133 -1.61 29.64 27.11
C GLU A 133 -0.42 29.55 28.07
N ASN A 134 0.55 30.39 27.84
CA ASN A 134 1.74 30.38 28.64
C ASN A 134 1.47 30.93 30.03
N GLU A 135 0.79 32.07 30.09
CA GLU A 135 0.43 32.71 31.33
C GLU A 135 -0.53 31.81 32.08
N ALA A 136 -1.48 31.25 31.35
CA ALA A 136 -2.49 30.38 31.93
C ALA A 136 -1.88 29.14 32.56
N GLY A 137 -0.67 28.74 32.24
CA GLY A 137 -0.12 27.53 32.83
C GLY A 137 -0.32 26.32 31.94
N LYS A 138 -0.89 26.55 30.77
CA LYS A 138 -1.22 25.47 29.86
C LYS A 138 -0.09 24.95 28.99
N THR A 139 1.17 25.39 29.10
CA THR A 139 2.25 24.96 28.20
C THR A 139 2.49 23.43 28.08
N GLU A 140 2.42 22.73 29.21
CA GLU A 140 2.55 21.28 29.30
C GLU A 140 1.44 20.63 28.46
N GLU A 141 0.21 21.06 28.74
CA GLU A 141 -1.02 20.63 28.11
C GLU A 141 -1.06 20.91 26.61
N VAL A 142 -0.69 22.10 26.13
CA VAL A 142 -0.68 22.36 24.72
C VAL A 142 0.31 21.45 24.00
N CYS A 143 1.56 21.48 24.46
CA CYS A 143 2.64 20.70 23.89
C CYS A 143 2.40 19.21 23.79
N ALA A 144 1.88 18.72 24.90
CA ALA A 144 1.55 17.34 25.05
C ALA A 144 0.45 16.94 24.11
N ARG A 145 -0.56 17.78 23.94
CA ARG A 145 -1.67 17.55 23.02
C ARG A 145 -1.16 17.35 21.60
N GLN A 146 -0.40 18.38 21.29
CA GLN A 146 0.17 18.50 20.00
C GLN A 146 1.09 17.39 19.64
N ILE A 147 1.79 16.75 20.58
CA ILE A 147 2.72 15.63 20.30
C ILE A 147 1.84 14.40 20.16
N ASP A 148 0.82 14.36 21.00
CA ASP A 148 -0.03 13.21 21.10
C ASP A 148 -0.78 12.96 19.84
N ALA A 149 -1.14 13.99 19.03
CA ALA A 149 -1.85 13.78 17.77
C ALA A 149 -1.11 12.80 16.86
N VAL A 150 0.24 12.73 17.00
CA VAL A 150 1.03 11.75 16.30
C VAL A 150 1.21 10.57 17.27
N LEU A 151 1.52 10.83 18.56
CA LEU A 151 1.90 9.79 19.51
C LEU A 151 0.82 8.79 19.89
N LYS A 152 -0.34 9.31 20.20
CA LYS A 152 -1.44 8.44 20.45
C LYS A 152 -2.07 7.74 19.24
N THR A 153 -1.89 8.24 18.01
CA THR A 153 -2.44 7.63 16.81
C THR A 153 -1.51 6.64 16.11
N GLN A 154 -0.28 7.08 15.89
CA GLN A 154 0.69 6.39 15.08
C GLN A 154 1.71 5.66 15.90
N GLY A 155 1.94 6.15 17.12
CA GLY A 155 2.79 5.45 18.06
C GLY A 155 4.18 6.02 18.17
N ALA A 156 4.95 5.60 19.17
CA ALA A 156 6.25 6.21 19.40
C ALA A 156 7.25 5.84 18.34
N ALA A 157 7.02 4.78 17.56
CA ALA A 157 7.94 4.46 16.45
C ALA A 157 7.89 5.51 15.34
N ALA A 158 6.86 6.34 15.28
CA ALA A 158 6.73 7.46 14.36
C ALA A 158 7.88 8.43 14.62
N PHE A 159 8.21 8.67 15.87
CA PHE A 159 9.29 9.56 16.16
C PHE A 159 10.60 8.92 15.94
N GLU A 160 10.76 7.70 15.44
CA GLU A 160 12.07 7.14 15.31
C GLU A 160 12.51 7.81 14.04
N GLY A 161 13.50 8.69 14.20
CA GLY A 161 14.04 9.52 13.14
C GLY A 161 13.31 10.84 12.86
N ALA A 162 12.44 11.39 13.72
CA ALA A 162 11.79 12.65 13.46
C ALA A 162 12.46 13.77 14.27
N VAL A 163 12.03 15.02 14.22
CA VAL A 163 12.59 16.17 14.89
C VAL A 163 11.35 16.83 15.47
N ILE A 164 11.37 17.24 16.72
CA ILE A 164 10.33 18.06 17.30
C ILE A 164 11.06 19.41 17.34
N ALA A 165 10.34 20.51 17.16
CA ALA A 165 10.95 21.79 17.18
C ALA A 165 10.04 22.54 18.11
N TYR A 166 10.47 22.90 19.33
CA TYR A 166 9.61 23.62 20.24
C TYR A 166 9.84 25.08 19.89
N GLU A 167 8.76 25.79 19.53
CA GLU A 167 8.74 27.19 19.13
C GLU A 167 7.59 27.89 19.86
N PRO A 168 7.93 28.43 21.01
CA PRO A 168 7.02 29.16 21.82
C PRO A 168 6.52 30.31 20.95
N VAL A 169 5.27 30.23 20.49
CA VAL A 169 4.67 31.30 19.67
C VAL A 169 5.00 32.72 20.15
N TRP A 170 4.91 33.03 21.46
CA TRP A 170 5.24 34.38 21.92
C TRP A 170 6.71 34.81 21.65
N ALA A 171 7.54 33.84 21.24
CA ALA A 171 8.94 33.99 20.91
C ALA A 171 9.20 34.05 19.42
N ILE A 172 8.28 33.78 18.50
CA ILE A 172 8.63 33.74 17.07
C ILE A 172 8.65 35.14 16.47
N GLY A 173 9.77 35.64 15.92
CA GLY A 173 9.86 36.96 15.34
C GLY A 173 9.70 38.08 16.36
N THR A 174 9.41 37.80 17.62
CA THR A 174 9.18 38.84 18.58
C THR A 174 10.52 39.41 19.00
N GLY A 175 11.46 38.55 19.31
CA GLY A 175 12.77 38.96 19.82
C GLY A 175 12.87 38.53 21.27
N LYS A 176 11.82 37.91 21.79
CA LYS A 176 11.78 37.51 23.16
C LYS A 176 11.92 36.00 23.07
N SER A 177 13.10 35.41 23.23
CA SER A 177 13.17 33.94 23.24
C SER A 177 12.94 33.35 24.66
N ALA A 178 12.88 32.02 24.79
CA ALA A 178 12.75 31.37 26.09
C ALA A 178 14.16 31.45 26.69
N THR A 179 14.28 31.58 28.00
CA THR A 179 15.57 31.55 28.65
C THR A 179 16.09 30.10 28.53
N PRO A 180 17.37 29.74 28.57
CA PRO A 180 17.85 28.37 28.60
C PRO A 180 17.08 27.47 29.58
N ALA A 181 16.74 28.02 30.74
CA ALA A 181 16.01 27.36 31.79
C ALA A 181 14.60 26.97 31.34
N GLN A 182 13.94 27.90 30.63
CA GLN A 182 12.59 27.72 30.10
C GLN A 182 12.61 26.67 29.00
N ALA A 183 13.44 27.00 27.99
CA ALA A 183 13.75 26.15 26.87
C ALA A 183 13.93 24.68 27.31
N GLN A 184 14.94 24.43 28.13
CA GLN A 184 15.21 23.11 28.64
C GLN A 184 14.06 22.52 29.45
N ALA A 185 13.24 23.27 30.21
CA ALA A 185 12.17 22.68 31.01
C ALA A 185 11.15 21.98 30.13
N VAL A 186 10.83 22.66 29.03
CA VAL A 186 9.93 22.12 28.03
C VAL A 186 10.61 21.02 27.24
N HIS A 187 11.86 21.06 26.88
CA HIS A 187 12.48 19.99 26.12
C HIS A 187 12.60 18.72 26.94
N LYS A 188 12.65 18.90 28.26
CA LYS A 188 12.71 17.75 29.13
C LYS A 188 11.31 17.18 29.25
N PHE A 189 10.29 18.01 29.51
CA PHE A 189 8.89 17.60 29.47
C PHE A 189 8.53 16.79 28.21
N ILE A 190 8.85 17.33 27.05
CA ILE A 190 8.63 16.65 25.78
C ILE A 190 9.26 15.26 25.73
N ARG A 191 10.49 15.26 26.19
CA ARG A 191 11.19 14.02 26.14
C ARG A 191 10.57 13.06 27.13
N ASP A 192 10.14 13.53 28.29
CA ASP A 192 9.57 12.66 29.30
C ASP A 192 8.30 12.04 28.82
N HIS A 193 7.54 12.93 28.19
CA HIS A 193 6.26 12.57 27.62
C HIS A 193 6.37 11.54 26.50
N ILE A 194 7.37 11.57 25.61
CA ILE A 194 7.50 10.47 24.66
C ILE A 194 8.03 9.23 25.38
N ALA A 195 8.96 9.42 26.33
CA ALA A 195 9.57 8.32 27.05
C ALA A 195 8.60 7.47 27.84
N LYS A 196 7.49 8.07 28.28
CA LYS A 196 6.46 7.31 28.97
C LYS A 196 5.92 6.15 28.11
N VAL A 197 5.81 6.39 26.82
CA VAL A 197 5.40 5.39 25.87
C VAL A 197 6.60 4.52 25.45
N ASP A 198 7.74 5.09 25.01
CA ASP A 198 8.95 4.33 24.65
C ASP A 198 10.15 5.19 24.98
N ALA A 199 10.99 4.82 25.96
CA ALA A 199 12.16 5.64 26.31
C ALA A 199 13.29 5.52 25.32
N ASN A 200 13.28 4.44 24.54
CA ASN A 200 14.35 4.23 23.56
C ASN A 200 14.20 5.22 22.41
N ILE A 201 12.93 5.53 22.09
CA ILE A 201 12.63 6.47 21.03
C ILE A 201 12.85 7.85 21.66
N ALA A 202 12.43 8.15 22.90
CA ALA A 202 12.65 9.48 23.48
C ALA A 202 14.10 9.92 23.46
N GLU A 203 15.02 8.97 23.72
CA GLU A 203 16.43 9.22 23.79
C GLU A 203 16.98 9.63 22.47
N GLN A 204 16.40 9.14 21.38
CA GLN A 204 16.91 9.57 20.10
C GLN A 204 16.21 10.77 19.47
N VAL A 205 15.03 11.26 19.88
CA VAL A 205 14.39 12.31 19.10
C VAL A 205 15.00 13.70 19.34
N ILE A 206 15.40 14.30 18.23
CA ILE A 206 16.01 15.61 18.20
C ILE A 206 14.98 16.68 18.60
N ILE A 207 15.19 17.43 19.68
CA ILE A 207 14.26 18.47 20.04
C ILE A 207 15.00 19.81 19.86
N GLN A 208 14.67 20.49 18.76
CA GLN A 208 15.27 21.75 18.45
C GLN A 208 14.46 22.80 19.12
N TYR A 209 15.09 23.92 19.42
CA TYR A 209 14.40 25.04 20.03
C TYR A 209 14.34 26.09 18.91
N GLY A 210 13.22 26.72 18.65
CA GLY A 210 13.09 27.77 17.65
C GLY A 210 12.40 28.99 18.29
N GLY A 211 12.49 30.23 17.81
CA GLY A 211 11.83 31.32 18.52
C GLY A 211 12.91 32.24 18.99
N SER A 212 13.30 33.24 18.20
CA SER A 212 14.29 34.26 18.45
C SER A 212 15.70 33.84 18.85
N VAL A 213 16.17 32.68 18.31
CA VAL A 213 17.58 32.28 18.38
C VAL A 213 18.43 33.12 17.38
N ASN A 214 19.59 33.61 17.81
CA ASN A 214 20.51 34.45 17.08
C ASN A 214 21.86 34.16 17.69
N ALA A 215 22.93 34.70 17.11
CA ALA A 215 24.27 34.42 17.64
C ALA A 215 24.56 34.61 19.14
N SER A 216 24.07 35.72 19.76
CA SER A 216 24.21 35.98 21.18
C SER A 216 23.63 34.84 21.99
N ASN A 217 22.40 34.46 21.73
CA ASN A 217 21.86 33.49 22.64
C ASN A 217 22.07 32.06 22.25
N ALA A 218 22.63 31.81 21.06
CA ALA A 218 22.75 30.45 20.58
C ALA A 218 23.48 29.57 21.59
N ALA A 219 24.51 30.07 22.28
CA ALA A 219 25.30 29.23 23.19
C ALA A 219 24.69 28.98 24.58
N GLU A 220 24.08 30.00 25.20
CA GLU A 220 23.39 29.81 26.45
C GLU A 220 22.33 28.70 26.34
N LEU A 221 21.64 28.71 25.22
CA LEU A 221 20.61 27.76 24.94
C LEU A 221 21.15 26.36 24.71
N PHE A 222 22.23 26.33 23.97
CA PHE A 222 22.76 25.05 23.58
C PHE A 222 23.42 24.26 24.73
N ALA A 223 23.82 25.01 25.79
CA ALA A 223 24.39 24.47 27.02
C ALA A 223 23.46 23.50 27.72
N GLN A 224 22.15 23.68 27.50
CA GLN A 224 21.12 22.82 28.08
C GLN A 224 21.17 21.38 27.62
N HIS A 225 20.50 20.59 28.42
CA HIS A 225 20.73 19.16 28.35
C HIS A 225 19.81 18.47 27.36
N ASP A 226 18.70 19.13 27.03
CA ASP A 226 17.71 18.50 26.20
C ASP A 226 17.36 19.32 24.96
N VAL A 227 18.24 20.33 24.78
CA VAL A 227 18.20 21.20 23.61
C VAL A 227 19.21 20.55 22.64
N ASP A 228 18.65 20.04 21.52
CA ASP A 228 19.45 19.38 20.48
C ASP A 228 19.80 20.21 19.25
N GLY A 229 19.43 21.45 19.23
CA GLY A 229 19.75 22.22 18.08
C GLY A 229 18.68 23.26 18.02
N PHE A 230 18.64 23.88 16.85
CA PHE A 230 17.82 25.04 16.72
C PHE A 230 17.07 25.02 15.46
N LEU A 231 15.95 25.72 15.40
CA LEU A 231 15.28 25.95 14.13
C LEU A 231 15.39 27.44 13.97
N VAL A 232 16.18 27.95 13.03
CA VAL A 232 16.38 29.38 12.90
C VAL A 232 15.54 30.03 11.81
N GLY A 233 14.92 31.12 12.21
CA GLY A 233 14.09 31.88 11.32
C GLY A 233 14.90 32.99 10.72
N GLY A 234 14.68 34.21 11.23
CA GLY A 234 15.27 35.46 10.75
C GLY A 234 16.80 35.50 10.46
N ALA A 235 17.62 35.05 11.42
CA ALA A 235 19.06 34.91 11.32
C ALA A 235 19.44 33.89 10.27
N SER A 236 18.58 33.02 9.68
CA SER A 236 18.92 32.12 8.58
C SER A 236 19.46 32.91 7.36
N LEU A 237 18.85 34.10 7.25
CA LEU A 237 19.05 35.02 6.16
C LEU A 237 20.27 35.91 6.40
N LYS A 238 20.90 35.75 7.56
CA LYS A 238 21.98 36.63 7.98
C LYS A 238 23.21 35.75 8.13
N PRO A 239 24.45 36.29 8.00
CA PRO A 239 25.70 35.51 8.11
C PRO A 239 25.94 34.92 9.50
N GLU A 240 25.21 35.54 10.43
CA GLU A 240 25.13 35.19 11.82
C GLU A 240 24.64 33.77 11.98
N PHE A 241 23.92 33.20 10.99
CA PHE A 241 23.57 31.79 10.94
C PHE A 241 24.85 30.95 11.14
N VAL A 242 26.03 31.31 10.61
CA VAL A 242 27.21 30.47 10.77
C VAL A 242 27.57 30.42 12.25
N ASP A 243 27.40 31.54 12.95
CA ASP A 243 27.77 31.63 14.35
C ASP A 243 26.90 30.81 15.25
N ILE A 244 25.63 30.77 14.89
CA ILE A 244 24.72 29.82 15.51
C ILE A 244 25.14 28.34 15.23
N ILE A 245 25.56 28.00 14.01
CA ILE A 245 25.99 26.64 13.77
C ILE A 245 27.25 26.39 14.57
N ASN A 246 28.14 27.37 14.74
CA ASN A 246 29.38 27.11 15.46
C ASN A 246 29.12 26.85 16.94
N ALA A 247 28.14 27.54 17.53
CA ALA A 247 27.67 27.26 18.88
C ALA A 247 27.34 25.74 19.04
N ALA A 248 26.36 25.23 18.29
CA ALA A 248 26.03 23.79 18.32
C ALA A 248 27.17 22.82 18.02
N GLU A 249 28.22 23.22 17.33
CA GLU A 249 29.23 22.28 16.90
C GLU A 249 30.31 22.13 17.94
N ALA A 250 30.98 23.21 18.26
CA ALA A 250 32.06 23.15 19.19
C ALA A 250 31.52 22.82 20.58
N ALA A 251 30.30 23.21 21.00
CA ALA A 251 29.84 22.82 22.31
C ALA A 251 29.61 21.32 22.28
N LYS A 252 29.14 20.78 21.13
CA LYS A 252 28.94 19.33 20.93
C LYS A 252 30.24 18.55 21.23
N GLN A 253 31.36 19.05 20.69
CA GLN A 253 32.68 18.44 20.87
C GLN A 253 33.32 19.06 22.14
N ALA A 254 32.60 18.96 23.26
CA ALA A 254 33.04 19.48 24.55
C ALA A 254 34.33 18.81 25.05
N MET B 1 -8.71 38.07 -34.20
CA MET B 1 -9.28 38.95 -33.19
C MET B 1 -8.52 38.57 -31.94
N ARG B 2 -8.87 37.58 -31.13
CA ARG B 2 -8.07 37.21 -29.98
C ARG B 2 -7.06 36.14 -30.39
N HIS B 3 -5.77 36.29 -30.07
CA HIS B 3 -4.75 35.29 -30.32
C HIS B 3 -4.94 34.12 -29.32
N PRO B 4 -5.05 32.84 -29.67
CA PRO B 4 -5.24 31.73 -28.75
C PRO B 4 -4.11 31.44 -27.77
N LEU B 5 -4.53 30.88 -26.63
CA LEU B 5 -3.67 30.50 -25.54
C LEU B 5 -4.14 29.11 -25.24
N VAL B 6 -3.19 28.20 -25.15
CA VAL B 6 -3.45 26.86 -24.73
C VAL B 6 -2.46 26.77 -23.56
N MET B 7 -3.01 26.65 -22.36
CA MET B 7 -2.23 26.46 -21.16
C MET B 7 -2.41 25.02 -20.73
N GLY B 8 -1.34 24.24 -20.59
CA GLY B 8 -1.43 22.94 -19.94
C GLY B 8 -1.23 23.05 -18.41
N ASN B 9 -2.20 22.61 -17.58
CA ASN B 9 -2.10 22.48 -16.13
C ASN B 9 -1.71 21.03 -15.80
N TRP B 10 -0.47 20.80 -15.26
CA TRP B 10 0.05 19.47 -14.96
C TRP B 10 -0.53 18.76 -13.75
N LYS B 11 -1.29 19.51 -12.95
CA LYS B 11 -1.79 19.11 -11.65
C LYS B 11 -0.66 18.61 -10.73
N LEU B 12 -0.81 17.50 -10.02
CA LEU B 12 0.19 17.06 -9.10
C LEU B 12 0.92 15.92 -9.77
N ASN B 13 1.64 16.25 -10.83
CA ASN B 13 2.39 15.28 -11.60
C ASN B 13 3.67 15.93 -11.98
N GLY B 14 4.74 15.14 -11.84
CA GLY B 14 6.06 15.64 -12.18
C GLY B 14 7.21 14.90 -11.50
N SER B 15 8.42 15.07 -12.05
CA SER B 15 9.64 14.55 -11.53
C SER B 15 10.75 15.25 -12.34
N ARG B 16 12.03 14.98 -12.09
CA ARG B 16 13.11 15.58 -12.80
C ARG B 16 13.12 15.00 -14.21
N HIS B 17 12.83 13.71 -14.32
CA HIS B 17 12.85 13.10 -15.64
C HIS B 17 11.68 13.45 -16.56
N MET B 18 10.46 13.48 -16.06
CA MET B 18 9.35 13.80 -16.90
C MET B 18 9.47 15.24 -17.30
N VAL B 19 9.87 16.11 -16.37
CA VAL B 19 10.06 17.53 -16.70
C VAL B 19 11.14 17.56 -17.81
N HIS B 20 12.27 16.81 -17.75
CA HIS B 20 13.24 16.83 -18.82
C HIS B 20 12.57 16.38 -20.10
N GLU B 21 11.94 15.24 -20.08
CA GLU B 21 11.35 14.68 -21.26
C GLU B 21 10.30 15.57 -21.90
N LEU B 22 9.15 15.79 -21.27
CA LEU B 22 8.08 16.62 -21.79
C LEU B 22 8.60 17.93 -22.35
N VAL B 23 9.37 18.72 -21.58
CA VAL B 23 9.73 20.03 -22.07
C VAL B 23 10.69 19.89 -23.20
N SER B 24 11.69 19.05 -23.16
CA SER B 24 12.54 19.07 -24.31
C SER B 24 11.81 18.66 -25.55
N ASN B 25 10.91 17.68 -25.47
CA ASN B 25 10.17 17.23 -26.64
C ASN B 25 9.21 18.30 -27.07
N LEU B 26 8.36 18.85 -26.23
CA LEU B 26 7.59 20.06 -26.53
C LEU B 26 8.44 21.16 -27.18
N ARG B 27 9.49 21.69 -26.54
CA ARG B 27 10.39 22.66 -27.14
C ARG B 27 10.75 22.31 -28.62
N LYS B 28 11.09 21.06 -28.88
CA LYS B 28 11.42 20.61 -30.21
C LYS B 28 10.16 20.50 -31.08
N GLU B 29 9.06 20.02 -30.53
CA GLU B 29 7.85 19.78 -31.26
C GLU B 29 7.04 21.03 -31.54
N LEU B 30 7.35 22.17 -30.91
CA LEU B 30 6.60 23.42 -31.09
C LEU B 30 7.34 24.49 -31.87
N ALA B 31 8.39 24.04 -32.58
CA ALA B 31 9.27 24.93 -33.30
C ALA B 31 8.54 25.49 -34.52
N GLY B 32 8.31 26.80 -34.40
CA GLY B 32 7.66 27.56 -35.45
C GLY B 32 6.17 27.83 -35.23
N VAL B 33 5.54 27.31 -34.17
CA VAL B 33 4.14 27.58 -33.92
C VAL B 33 3.96 29.04 -33.43
N ALA B 34 3.33 29.86 -34.26
CA ALA B 34 3.08 31.26 -33.92
C ALA B 34 1.61 31.63 -33.81
N GLY B 35 0.75 30.79 -34.34
CA GLY B 35 -0.68 31.01 -34.27
C GLY B 35 -1.19 30.73 -32.88
N CYS B 36 -0.43 30.04 -32.04
CA CYS B 36 -0.91 29.83 -30.69
C CYS B 36 0.07 30.25 -29.59
N ALA B 37 -0.39 30.71 -28.44
CA ALA B 37 0.50 30.97 -27.33
C ALA B 37 0.27 29.78 -26.43
N VAL B 38 1.38 29.28 -25.92
CA VAL B 38 1.45 28.06 -25.15
C VAL B 38 2.13 28.45 -23.83
N ALA B 39 1.67 27.85 -22.74
CA ALA B 39 2.15 27.99 -21.36
C ALA B 39 1.99 26.65 -20.61
N ILE B 40 2.92 26.33 -19.73
CA ILE B 40 2.80 25.13 -18.95
C ILE B 40 2.96 25.53 -17.48
N ALA B 41 2.24 24.75 -16.66
CA ALA B 41 2.26 24.94 -15.22
C ALA B 41 2.81 23.69 -14.55
N PRO B 42 4.14 23.51 -14.42
CA PRO B 42 4.70 22.39 -13.71
C PRO B 42 4.40 22.68 -12.26
N PRO B 43 4.50 21.64 -11.42
CA PRO B 43 4.50 21.83 -10.00
C PRO B 43 5.73 22.67 -9.65
N GLU B 44 5.43 23.60 -8.76
CA GLU B 44 6.26 24.66 -8.18
C GLU B 44 7.73 24.43 -8.01
N MET B 45 8.15 23.33 -7.38
CA MET B 45 9.55 23.09 -7.24
C MET B 45 10.24 22.62 -8.56
N TYR B 46 9.59 22.80 -9.72
CA TYR B 46 10.08 22.46 -11.05
C TYR B 46 9.85 23.61 -12.04
N ILE B 47 9.20 24.72 -11.69
CA ILE B 47 9.08 25.87 -12.59
C ILE B 47 10.51 26.25 -12.99
N ASP B 48 11.48 26.50 -12.10
CA ASP B 48 12.84 26.80 -12.56
C ASP B 48 13.43 25.76 -13.55
N MET B 49 13.35 24.51 -13.16
CA MET B 49 13.84 23.45 -14.01
C MET B 49 13.24 23.55 -15.40
N ALA B 50 11.90 23.71 -15.50
CA ALA B 50 11.22 23.75 -16.80
C ALA B 50 11.50 25.05 -17.53
N LYS B 51 11.50 26.19 -16.85
CA LYS B 51 11.87 27.49 -17.42
C LYS B 51 13.19 27.41 -18.19
N ARG B 52 14.14 26.70 -17.59
CA ARG B 52 15.46 26.59 -18.15
C ARG B 52 15.46 25.74 -19.38
N GLU B 53 14.73 24.65 -19.29
CA GLU B 53 14.65 23.70 -20.39
C GLU B 53 13.83 24.18 -21.59
N ALA B 54 12.98 25.17 -21.32
CA ALA B 54 12.08 25.73 -22.28
C ALA B 54 12.71 26.90 -22.97
N GLU B 55 13.84 27.41 -22.44
CA GLU B 55 14.61 28.53 -23.01
C GLU B 55 15.07 28.13 -24.41
N GLY B 56 14.83 29.16 -25.24
CA GLY B 56 14.96 28.99 -26.67
C GLY B 56 13.57 29.11 -27.23
N SER B 57 12.63 28.25 -26.80
CA SER B 57 11.30 28.25 -27.38
C SER B 57 10.49 29.39 -26.80
N HIS B 58 9.22 29.30 -27.14
CA HIS B 58 8.37 30.36 -26.67
C HIS B 58 7.28 29.87 -25.76
N ILE B 59 7.68 28.87 -24.98
CA ILE B 59 6.82 28.19 -24.03
C ILE B 59 6.95 29.05 -22.80
N MET B 60 5.79 29.65 -22.52
CA MET B 60 5.63 30.48 -21.38
C MET B 60 5.42 29.55 -20.21
N LEU B 61 5.82 29.98 -19.01
CA LEU B 61 5.61 29.22 -17.83
C LEU B 61 4.57 29.82 -16.93
N GLY B 62 4.05 28.93 -16.14
CA GLY B 62 2.99 29.29 -15.25
C GLY B 62 3.15 28.48 -14.00
N ALA B 63 2.20 28.75 -13.11
CA ALA B 63 2.16 28.20 -11.78
C ALA B 63 0.74 27.83 -11.36
N GLN B 64 0.45 26.88 -10.45
CA GLN B 64 -0.95 26.47 -10.19
C GLN B 64 -1.74 27.16 -9.05
N ASN B 65 -1.10 28.16 -8.39
CA ASN B 65 -1.69 28.92 -7.26
C ASN B 65 -0.75 29.99 -6.72
N VAL B 66 -1.22 31.02 -6.06
CA VAL B 66 -0.36 31.97 -5.32
C VAL B 66 -0.95 32.08 -3.92
N ASP B 67 -0.30 32.79 -3.01
CA ASP B 67 -0.95 33.15 -1.79
C ASP B 67 -0.85 34.65 -1.76
N LEU B 68 -1.45 35.22 -0.76
CA LEU B 68 -1.56 36.65 -0.64
C LEU B 68 -0.38 37.49 -0.16
N ASN B 69 0.78 36.99 0.18
CA ASN B 69 1.81 37.82 0.73
C ASN B 69 2.93 37.70 -0.26
N LEU B 70 3.69 38.78 -0.29
CA LEU B 70 4.83 38.81 -1.16
C LEU B 70 6.10 38.42 -0.41
N SER B 71 6.23 38.76 0.89
CA SER B 71 7.46 38.47 1.63
C SER B 71 7.20 38.29 3.09
N GLY B 72 8.01 37.60 3.84
CA GLY B 72 7.79 37.63 5.26
C GLY B 72 7.77 36.32 6.03
N ALA B 73 7.11 36.53 7.17
CA ALA B 73 6.98 35.52 8.18
C ALA B 73 5.81 34.58 7.88
N PHE B 74 5.79 34.02 6.68
CA PHE B 74 4.73 33.20 6.26
C PHE B 74 5.35 31.91 5.72
N THR B 75 5.49 30.97 6.66
CA THR B 75 5.96 29.66 6.27
C THR B 75 4.81 28.99 5.46
N GLY B 76 5.44 28.43 4.42
CA GLY B 76 4.86 27.60 3.40
C GLY B 76 3.99 28.33 2.40
N GLU B 77 4.18 29.64 2.20
CA GLU B 77 3.41 30.43 1.28
C GLU B 77 4.01 30.63 -0.08
N THR B 78 3.24 30.92 -1.13
CA THR B 78 3.87 31.21 -2.41
C THR B 78 3.69 32.69 -2.63
N SER B 79 4.81 33.40 -2.85
CA SER B 79 4.77 34.80 -3.23
C SER B 79 4.78 35.09 -4.72
N ALA B 80 3.99 36.07 -5.16
CA ALA B 80 3.92 36.52 -6.56
C ALA B 80 5.20 37.15 -7.03
N ALA B 81 5.90 37.94 -6.24
CA ALA B 81 7.19 38.47 -6.61
C ALA B 81 8.13 37.27 -6.81
N MET B 82 8.00 36.22 -6.00
CA MET B 82 8.88 35.09 -6.16
C MET B 82 8.60 34.26 -7.43
N LEU B 83 7.31 34.03 -7.81
CA LEU B 83 6.89 33.29 -9.04
C LEU B 83 7.40 34.06 -10.26
N LYS B 84 7.21 35.39 -10.14
CA LYS B 84 7.66 36.35 -11.11
C LYS B 84 9.18 36.26 -11.28
N ASP B 85 9.97 36.19 -10.19
CA ASP B 85 11.40 36.00 -10.21
C ASP B 85 11.78 34.71 -10.80
N ILE B 86 11.13 33.60 -10.50
CA ILE B 86 11.57 32.37 -11.12
C ILE B 86 11.19 32.22 -12.60
N GLY B 87 10.30 33.05 -13.07
CA GLY B 87 9.97 33.12 -14.47
C GLY B 87 8.58 32.58 -14.76
N ALA B 88 7.50 32.87 -14.03
CA ALA B 88 6.19 32.30 -14.35
C ALA B 88 5.34 33.51 -14.63
N GLN B 89 4.51 33.44 -15.65
CA GLN B 89 3.59 34.53 -16.01
C GLN B 89 2.10 34.18 -15.78
N TYR B 90 1.77 32.93 -16.09
CA TYR B 90 0.39 32.47 -16.03
C TYR B 90 0.09 31.79 -14.70
N ILE B 91 -0.67 32.37 -13.76
CA ILE B 91 -0.86 31.75 -12.46
C ILE B 91 -2.30 31.36 -12.36
N ILE B 92 -2.57 30.07 -12.27
CA ILE B 92 -3.92 29.54 -12.21
C ILE B 92 -4.45 29.82 -10.80
N ILE B 93 -5.72 30.21 -10.64
CA ILE B 93 -6.23 30.56 -9.31
C ILE B 93 -7.67 30.10 -9.30
N GLY B 94 -8.27 29.63 -8.21
CA GLY B 94 -9.69 29.32 -8.26
C GLY B 94 -10.08 28.05 -8.98
N HIS B 95 -9.11 27.20 -9.24
CA HIS B 95 -9.41 25.95 -9.93
C HIS B 95 -10.39 25.12 -9.06
N SER B 96 -11.36 24.28 -9.53
CA SER B 96 -12.29 23.57 -8.62
C SER B 96 -11.60 22.78 -7.52
N GLU B 97 -10.54 22.05 -7.89
CA GLU B 97 -9.69 21.36 -6.92
C GLU B 97 -9.20 22.20 -5.73
N ARG B 98 -9.12 23.52 -5.79
CA ARG B 98 -8.70 24.32 -4.65
C ARG B 98 -9.93 24.79 -3.99
N ARG B 99 -10.89 25.17 -4.82
CA ARG B 99 -12.20 25.55 -4.37
C ARG B 99 -12.87 24.46 -3.56
N THR B 100 -12.76 23.14 -3.85
CA THR B 100 -13.43 22.12 -3.04
C THR B 100 -12.42 21.58 -2.05
N TYR B 101 -11.37 20.94 -2.54
CA TYR B 101 -10.46 20.33 -1.64
C TYR B 101 -9.83 21.38 -0.77
N HIS B 102 -9.58 22.62 -1.20
CA HIS B 102 -8.92 23.48 -0.23
C HIS B 102 -9.77 24.58 0.35
N LYS B 103 -11.07 24.44 0.11
CA LYS B 103 -12.09 25.36 0.56
C LYS B 103 -11.76 26.83 0.35
N GLU B 104 -11.22 27.08 -0.85
CA GLU B 104 -10.76 28.40 -1.23
C GLU B 104 -11.95 29.26 -1.60
N SER B 105 -12.07 30.47 -1.13
CA SER B 105 -13.29 31.22 -1.39
C SER B 105 -13.12 32.31 -2.42
N ASP B 106 -14.23 32.73 -3.04
CA ASP B 106 -14.23 33.84 -3.99
C ASP B 106 -13.60 35.13 -3.52
N GLU B 107 -13.81 35.49 -2.27
CA GLU B 107 -13.26 36.72 -1.74
C GLU B 107 -11.74 36.59 -1.70
N LEU B 108 -11.28 35.33 -1.48
CA LEU B 108 -9.90 34.99 -1.40
C LEU B 108 -9.31 34.95 -2.80
N ILE B 109 -9.98 34.25 -3.72
CA ILE B 109 -9.59 34.04 -5.11
C ILE B 109 -9.54 35.38 -5.83
N ALA B 110 -10.37 36.33 -5.39
CA ALA B 110 -10.35 37.68 -5.88
C ALA B 110 -9.14 38.41 -5.31
N LYS B 111 -8.83 38.28 -4.01
CA LYS B 111 -7.69 38.97 -3.41
C LYS B 111 -6.39 38.50 -4.02
N LYS B 112 -6.33 37.20 -4.40
CA LYS B 112 -5.22 36.58 -5.13
C LYS B 112 -5.12 37.11 -6.57
N PHE B 113 -6.24 37.56 -7.15
CA PHE B 113 -6.24 38.03 -8.50
C PHE B 113 -5.64 39.39 -8.42
N ALA B 114 -6.02 40.15 -7.41
CA ALA B 114 -5.49 41.50 -7.23
C ALA B 114 -3.98 41.47 -7.09
N VAL B 115 -3.53 40.63 -6.17
CA VAL B 115 -2.13 40.41 -5.97
C VAL B 115 -1.40 40.05 -7.24
N LEU B 116 -1.88 39.14 -8.11
CA LEU B 116 -1.18 38.78 -9.37
C LEU B 116 -1.02 39.93 -10.33
N LYS B 117 -2.16 40.59 -10.50
CA LYS B 117 -2.26 41.69 -11.41
C LYS B 117 -1.30 42.78 -11.01
N GLU B 118 -1.36 43.29 -9.77
CA GLU B 118 -0.46 44.31 -9.27
C GLU B 118 1.01 43.95 -9.48
N GLN B 119 1.38 42.67 -9.46
CA GLN B 119 2.74 42.23 -9.74
C GLN B 119 3.10 42.06 -11.24
N GLY B 120 2.07 42.17 -12.05
CA GLY B 120 2.22 42.04 -13.47
C GLY B 120 2.26 40.58 -13.88
N LEU B 121 1.45 39.76 -13.26
CA LEU B 121 1.39 38.40 -13.72
C LEU B 121 0.00 38.30 -14.37
N THR B 122 -0.15 37.23 -15.20
CA THR B 122 -1.41 37.00 -15.83
C THR B 122 -2.22 35.96 -15.04
N PRO B 123 -3.27 36.37 -14.31
CA PRO B 123 -4.17 35.43 -13.66
C PRO B 123 -4.98 34.56 -14.62
N VAL B 124 -5.10 33.24 -14.41
CA VAL B 124 -5.95 32.41 -15.22
C VAL B 124 -7.05 32.01 -14.23
N LEU B 125 -8.09 32.82 -14.09
CA LEU B 125 -9.18 32.58 -13.16
C LEU B 125 -10.08 31.46 -13.66
N CYS B 126 -9.97 30.26 -13.10
CA CYS B 126 -10.95 29.23 -13.40
C CYS B 126 -12.34 29.56 -12.89
N ILE B 127 -13.35 29.30 -13.71
CA ILE B 127 -14.73 29.38 -13.22
C ILE B 127 -15.41 28.10 -13.66
N GLY B 128 -16.59 27.91 -13.10
CA GLY B 128 -17.34 26.71 -13.49
C GLY B 128 -18.49 26.38 -12.54
N GLU B 129 -19.33 25.37 -12.85
CA GLU B 129 -20.49 24.98 -12.06
C GLU B 129 -20.36 23.46 -11.95
N THR B 130 -21.09 22.91 -10.98
CA THR B 130 -21.03 21.48 -10.81
C THR B 130 -22.15 20.82 -11.60
N GLU B 131 -22.22 19.50 -11.64
CA GLU B 131 -23.31 18.83 -12.36
C GLU B 131 -24.64 19.24 -11.79
N ALA B 132 -24.77 19.14 -10.47
CA ALA B 132 -25.97 19.58 -9.78
C ALA B 132 -26.40 21.00 -10.16
N GLU B 133 -25.43 21.92 -10.14
CA GLU B 133 -25.72 23.30 -10.50
C GLU B 133 -26.17 23.45 -11.95
N ASN B 134 -25.66 22.54 -12.76
CA ASN B 134 -25.98 22.49 -14.15
C ASN B 134 -27.43 22.08 -14.31
N GLU B 135 -27.78 20.91 -13.74
CA GLU B 135 -29.11 20.36 -13.79
C GLU B 135 -30.10 21.41 -13.30
N ALA B 136 -29.93 22.02 -12.12
CA ALA B 136 -30.87 23.05 -11.68
C ALA B 136 -31.00 24.29 -12.57
N GLY B 137 -30.01 24.56 -13.44
CA GLY B 137 -29.99 25.69 -14.36
C GLY B 137 -29.21 26.89 -13.84
N LYS B 138 -28.37 26.58 -12.85
CA LYS B 138 -27.65 27.61 -12.16
C LYS B 138 -26.34 28.09 -12.77
N THR B 139 -25.84 27.42 -13.82
CA THR B 139 -24.66 27.79 -14.60
C THR B 139 -24.42 29.31 -14.75
N GLU B 140 -25.50 30.03 -15.05
CA GLU B 140 -25.47 31.48 -15.25
C GLU B 140 -25.12 32.23 -13.96
N GLU B 141 -25.91 31.95 -12.93
CA GLU B 141 -25.78 32.49 -11.61
C GLU B 141 -24.43 32.17 -10.95
N VAL B 142 -24.04 30.90 -10.92
CA VAL B 142 -22.74 30.46 -10.47
C VAL B 142 -21.56 31.21 -11.10
N CYS B 143 -21.49 31.19 -12.43
CA CYS B 143 -20.42 31.78 -13.22
C CYS B 143 -20.34 33.29 -13.08
N ALA B 144 -21.48 33.96 -13.14
CA ALA B 144 -21.54 35.39 -12.99
C ALA B 144 -21.01 35.79 -11.64
N ARG B 145 -21.34 34.99 -10.62
CA ARG B 145 -20.97 35.13 -9.23
C ARG B 145 -19.47 35.22 -9.08
N GLN B 146 -18.95 34.05 -9.44
CA GLN B 146 -17.52 33.85 -9.44
C GLN B 146 -16.73 34.92 -10.20
N ILE B 147 -17.25 35.42 -11.35
CA ILE B 147 -16.62 36.51 -12.11
C ILE B 147 -16.80 37.85 -11.39
N ASP B 148 -17.97 38.06 -10.75
CA ASP B 148 -18.30 39.29 -10.07
C ASP B 148 -17.47 39.50 -8.83
N ALA B 149 -16.94 38.42 -8.25
CA ALA B 149 -16.07 38.55 -7.10
C ALA B 149 -14.94 39.51 -7.48
N VAL B 150 -14.44 39.46 -8.72
CA VAL B 150 -13.37 40.35 -9.13
C VAL B 150 -13.96 41.59 -9.73
N LEU B 151 -14.99 41.42 -10.56
CA LEU B 151 -15.62 42.52 -11.26
C LEU B 151 -16.23 43.61 -10.38
N LYS B 152 -16.85 43.25 -9.27
CA LYS B 152 -17.55 44.23 -8.43
C LYS B 152 -16.63 44.84 -7.39
N THR B 153 -15.51 44.19 -7.14
CA THR B 153 -14.64 44.74 -6.16
C THR B 153 -13.64 45.58 -6.90
N GLN B 154 -13.03 44.98 -7.91
CA GLN B 154 -11.94 45.53 -8.70
C GLN B 154 -12.21 46.21 -10.04
N GLY B 155 -13.42 46.08 -10.58
CA GLY B 155 -13.82 46.70 -11.81
C GLY B 155 -13.50 45.83 -13.00
N ALA B 156 -14.00 46.30 -14.12
CA ALA B 156 -13.81 45.67 -15.42
C ALA B 156 -12.35 45.67 -15.85
N ALA B 157 -11.62 46.69 -15.42
CA ALA B 157 -10.21 46.89 -15.68
C ALA B 157 -9.31 45.75 -15.27
N ALA B 158 -9.73 45.07 -14.20
CA ALA B 158 -9.00 43.95 -13.65
C ALA B 158 -8.82 42.87 -14.73
N PHE B 159 -9.75 42.89 -15.68
CA PHE B 159 -9.66 41.92 -16.71
C PHE B 159 -8.76 42.20 -17.88
N GLU B 160 -8.17 43.39 -17.94
CA GLU B 160 -7.32 43.73 -19.06
C GLU B 160 -6.12 42.84 -18.87
N GLY B 161 -5.74 42.04 -19.87
CA GLY B 161 -4.59 41.16 -19.75
C GLY B 161 -4.79 39.94 -18.85
N ALA B 162 -6.04 39.57 -18.52
CA ALA B 162 -6.34 38.47 -17.62
C ALA B 162 -6.94 37.37 -18.41
N VAL B 163 -6.85 36.10 -18.00
CA VAL B 163 -7.52 34.94 -18.63
C VAL B 163 -8.64 34.37 -17.73
N ILE B 164 -9.79 34.02 -18.31
CA ILE B 164 -10.90 33.38 -17.61
C ILE B 164 -10.91 31.91 -18.06
N ALA B 165 -10.94 30.84 -17.29
CA ALA B 165 -10.91 29.54 -17.92
C ALA B 165 -12.12 28.80 -17.42
N TYR B 166 -13.22 28.85 -18.19
CA TYR B 166 -14.40 28.05 -17.84
C TYR B 166 -14.17 26.53 -17.91
N GLU B 167 -14.09 25.92 -16.73
CA GLU B 167 -14.01 24.47 -16.54
C GLU B 167 -15.27 24.09 -15.70
N PRO B 168 -16.31 23.65 -16.38
CA PRO B 168 -17.37 22.87 -15.81
C PRO B 168 -16.80 21.69 -15.06
N VAL B 169 -17.19 21.66 -13.78
CA VAL B 169 -16.66 20.72 -12.84
C VAL B 169 -17.03 19.30 -13.29
N TRP B 170 -18.26 19.10 -13.80
CA TRP B 170 -18.66 17.76 -14.24
C TRP B 170 -17.84 17.22 -15.40
N ALA B 171 -17.13 18.16 -16.04
CA ALA B 171 -16.25 17.88 -17.15
C ALA B 171 -14.81 17.57 -16.78
N ILE B 172 -14.32 17.91 -15.58
CA ILE B 172 -12.90 17.74 -15.26
C ILE B 172 -12.61 16.26 -14.94
N GLY B 173 -11.62 15.71 -15.64
CA GLY B 173 -11.19 14.34 -15.49
C GLY B 173 -12.25 13.32 -15.82
N THR B 174 -13.50 13.70 -16.15
CA THR B 174 -14.58 12.75 -16.30
C THR B 174 -14.58 12.09 -17.66
N GLY B 175 -14.10 12.84 -18.65
CA GLY B 175 -14.18 12.40 -20.03
C GLY B 175 -15.39 13.08 -20.65
N LYS B 176 -16.33 13.57 -19.82
CA LYS B 176 -17.54 14.18 -20.28
C LYS B 176 -17.24 15.67 -20.49
N SER B 177 -16.97 16.11 -21.73
CA SER B 177 -16.76 17.53 -22.08
C SER B 177 -18.04 18.28 -22.41
N ALA B 178 -18.04 19.61 -22.30
CA ALA B 178 -19.17 20.39 -22.77
C ALA B 178 -19.24 20.20 -24.30
N THR B 179 -20.43 20.14 -24.88
CA THR B 179 -20.50 20.17 -26.33
C THR B 179 -20.06 21.55 -26.77
N PRO B 180 -19.66 21.79 -28.04
CA PRO B 180 -19.21 23.11 -28.51
C PRO B 180 -20.32 24.15 -28.31
N ALA B 181 -21.55 23.65 -28.39
CA ALA B 181 -22.74 24.42 -28.17
C ALA B 181 -22.90 24.86 -26.71
N GLN B 182 -22.60 23.97 -25.77
CA GLN B 182 -22.60 24.34 -24.38
C GLN B 182 -21.48 25.37 -24.14
N ALA B 183 -20.26 24.98 -24.51
CA ALA B 183 -19.05 25.74 -24.31
C ALA B 183 -19.22 27.18 -24.75
N GLN B 184 -19.65 27.30 -26.00
CA GLN B 184 -19.80 28.59 -26.69
C GLN B 184 -20.85 29.49 -26.08
N ALA B 185 -21.91 28.86 -25.64
CA ALA B 185 -23.07 29.55 -25.11
C ALA B 185 -22.70 30.22 -23.79
N VAL B 186 -21.90 29.49 -22.99
CA VAL B 186 -21.44 29.98 -21.70
C VAL B 186 -20.35 31.01 -21.89
N HIS B 187 -19.45 30.73 -22.85
CA HIS B 187 -18.36 31.68 -23.07
C HIS B 187 -18.87 33.03 -23.60
N LYS B 188 -19.90 32.91 -24.43
CA LYS B 188 -20.58 34.07 -24.93
C LYS B 188 -21.27 34.75 -23.76
N PHE B 189 -21.94 34.05 -22.81
CA PHE B 189 -22.59 34.64 -21.62
C PHE B 189 -21.63 35.45 -20.75
N ILE B 190 -20.47 34.86 -20.44
CA ILE B 190 -19.40 35.48 -19.66
C ILE B 190 -19.00 36.78 -20.38
N ARG B 191 -18.73 36.70 -21.68
CA ARG B 191 -18.31 37.87 -22.40
C ARG B 191 -19.42 38.92 -22.43
N ASP B 192 -20.68 38.50 -22.55
CA ASP B 192 -21.81 39.40 -22.50
C ASP B 192 -21.93 40.08 -21.14
N HIS B 193 -21.72 39.30 -20.08
CA HIS B 193 -21.69 39.79 -18.73
C HIS B 193 -20.59 40.80 -18.47
N ILE B 194 -19.36 40.67 -19.01
CA ILE B 194 -18.32 41.64 -18.68
C ILE B 194 -18.60 42.88 -19.48
N ALA B 195 -18.93 42.67 -20.73
CA ALA B 195 -19.30 43.74 -21.64
C ALA B 195 -20.36 44.72 -21.15
N LYS B 196 -21.32 44.24 -20.37
CA LYS B 196 -22.36 45.11 -19.84
C LYS B 196 -21.77 46.12 -18.87
N VAL B 197 -20.57 45.83 -18.35
CA VAL B 197 -19.81 46.76 -17.53
C VAL B 197 -18.90 47.50 -18.50
N ASP B 198 -18.00 46.82 -19.22
CA ASP B 198 -17.16 47.48 -20.19
C ASP B 198 -16.95 46.55 -21.36
N ALA B 199 -17.47 47.02 -22.49
CA ALA B 199 -17.41 46.30 -23.76
C ALA B 199 -16.03 46.13 -24.37
N ASN B 200 -15.28 47.21 -24.22
CA ASN B 200 -13.96 47.27 -24.78
C ASN B 200 -13.10 46.20 -24.08
N ILE B 201 -13.24 46.03 -22.76
CA ILE B 201 -12.45 45.01 -22.08
C ILE B 201 -12.94 43.61 -22.45
N ALA B 202 -14.25 43.43 -22.57
CA ALA B 202 -14.77 42.13 -22.92
C ALA B 202 -14.29 41.63 -24.28
N GLU B 203 -13.88 42.48 -25.22
CA GLU B 203 -13.40 41.92 -26.47
C GLU B 203 -12.01 41.38 -26.37
N GLN B 204 -11.20 41.80 -25.38
CA GLN B 204 -9.85 41.31 -25.24
C GLN B 204 -9.59 40.25 -24.14
N VAL B 205 -10.66 39.77 -23.50
CA VAL B 205 -10.41 38.87 -22.44
C VAL B 205 -10.44 37.54 -23.11
N ILE B 206 -9.42 36.77 -22.84
CA ILE B 206 -9.33 35.41 -23.33
C ILE B 206 -10.20 34.58 -22.37
N ILE B 207 -11.09 33.77 -22.96
CA ILE B 207 -11.95 32.88 -22.22
C ILE B 207 -11.61 31.49 -22.74
N GLN B 208 -10.82 30.72 -21.97
CA GLN B 208 -10.40 29.35 -22.33
C GLN B 208 -11.40 28.32 -21.90
N TYR B 209 -11.48 27.19 -22.60
CA TYR B 209 -12.32 26.12 -22.14
C TYR B 209 -11.47 25.04 -21.54
N GLY B 210 -11.93 24.54 -20.40
CA GLY B 210 -11.26 23.40 -19.82
C GLY B 210 -12.31 22.39 -19.37
N GLY B 211 -11.98 21.09 -19.36
CA GLY B 211 -12.91 20.05 -19.00
C GLY B 211 -12.90 18.97 -20.07
N SER B 212 -12.08 17.97 -19.72
CA SER B 212 -11.84 16.83 -20.54
C SER B 212 -11.63 17.16 -21.99
N VAL B 213 -10.74 18.12 -22.30
CA VAL B 213 -10.39 18.42 -23.71
C VAL B 213 -9.24 17.47 -24.16
N ASN B 214 -9.13 17.13 -25.45
CA ASN B 214 -8.11 16.24 -26.04
C ASN B 214 -8.00 16.58 -27.51
N ALA B 215 -7.06 15.97 -28.21
CA ALA B 215 -6.85 16.22 -29.62
C ALA B 215 -8.09 16.17 -30.52
N SER B 216 -8.92 15.10 -30.41
CA SER B 216 -10.19 14.96 -31.14
C SER B 216 -11.18 16.07 -30.83
N ASN B 217 -11.35 16.64 -29.62
CA ASN B 217 -12.37 17.65 -29.39
C ASN B 217 -11.87 19.09 -29.37
N ALA B 218 -10.57 19.29 -29.32
CA ALA B 218 -9.99 20.60 -29.45
C ALA B 218 -10.51 21.34 -30.71
N ALA B 219 -10.51 20.70 -31.88
CA ALA B 219 -11.02 21.26 -33.18
C ALA B 219 -12.49 21.77 -33.26
N GLU B 220 -13.39 20.82 -32.94
CA GLU B 220 -14.81 21.11 -32.73
C GLU B 220 -15.06 22.20 -31.71
N LEU B 221 -14.24 22.29 -30.67
CA LEU B 221 -14.46 23.34 -29.69
C LEU B 221 -13.91 24.69 -30.11
N PHE B 222 -12.76 24.69 -30.78
CA PHE B 222 -12.12 25.94 -31.24
C PHE B 222 -12.86 26.76 -32.32
N ALA B 223 -13.71 26.02 -33.04
CA ALA B 223 -14.60 26.56 -34.03
C ALA B 223 -15.62 27.55 -33.49
N GLN B 224 -15.81 27.58 -32.17
CA GLN B 224 -16.72 28.48 -31.58
C GLN B 224 -15.99 29.80 -31.35
N HIS B 225 -16.93 30.69 -31.38
CA HIS B 225 -16.63 32.08 -31.55
C HIS B 225 -16.00 32.69 -30.29
N ASP B 226 -16.51 32.26 -29.15
CA ASP B 226 -16.06 32.84 -27.92
C ASP B 226 -15.08 31.98 -27.12
N VAL B 227 -14.61 30.90 -27.71
CA VAL B 227 -13.74 29.97 -27.03
C VAL B 227 -12.33 30.32 -27.47
N ASP B 228 -11.59 31.06 -26.67
CA ASP B 228 -10.29 31.55 -27.10
C ASP B 228 -9.10 30.65 -26.84
N GLY B 229 -9.35 29.46 -26.31
CA GLY B 229 -8.25 28.58 -26.07
C GLY B 229 -8.67 27.53 -25.13
N PHE B 230 -7.67 26.85 -24.62
CA PHE B 230 -7.89 25.68 -23.82
C PHE B 230 -7.03 25.62 -22.59
N LEU B 231 -7.67 25.36 -21.42
CA LEU B 231 -6.89 24.96 -20.28
C LEU B 231 -6.85 23.43 -20.33
N VAL B 232 -5.72 22.83 -20.65
CA VAL B 232 -5.62 21.38 -20.79
C VAL B 232 -5.18 20.83 -19.43
N GLY B 233 -5.83 19.74 -19.03
CA GLY B 233 -5.53 19.02 -17.81
C GLY B 233 -4.67 17.85 -18.19
N GLY B 234 -5.19 16.63 -18.03
CA GLY B 234 -4.48 15.37 -18.23
C GLY B 234 -3.75 15.20 -19.55
N ALA B 235 -4.13 15.81 -20.68
CA ALA B 235 -3.38 15.59 -21.91
C ALA B 235 -2.15 16.47 -21.93
N SER B 236 -1.93 17.34 -20.92
CA SER B 236 -0.68 18.12 -20.80
C SER B 236 0.51 17.20 -20.61
N LEU B 237 0.24 16.03 -20.06
CA LEU B 237 1.31 15.11 -19.78
C LEU B 237 1.47 14.16 -20.93
N LYS B 238 0.61 14.28 -21.94
CA LYS B 238 0.62 13.37 -23.06
C LYS B 238 1.23 14.12 -24.21
N PRO B 239 1.81 13.51 -25.28
CA PRO B 239 2.23 14.20 -26.52
C PRO B 239 1.11 14.84 -27.38
N GLU B 240 -0.12 14.35 -27.12
CA GLU B 240 -1.37 14.88 -27.64
C GLU B 240 -1.61 16.36 -27.26
N PHE B 241 -0.88 16.99 -26.39
CA PHE B 241 -1.01 18.40 -26.11
C PHE B 241 -0.61 19.25 -27.34
N VAL B 242 0.43 18.76 -28.05
CA VAL B 242 0.95 19.41 -29.26
C VAL B 242 -0.14 19.29 -30.34
N ASP B 243 -0.80 18.15 -30.52
CA ASP B 243 -1.95 18.03 -31.43
C ASP B 243 -3.11 19.00 -31.09
N ILE B 244 -3.44 19.16 -29.83
CA ILE B 244 -4.33 20.20 -29.33
C ILE B 244 -3.84 21.60 -29.76
N ILE B 245 -2.52 21.85 -29.71
CA ILE B 245 -1.98 23.17 -30.02
C ILE B 245 -2.08 23.40 -31.50
N ASN B 246 -1.82 22.38 -32.29
CA ASN B 246 -1.95 22.56 -33.71
C ASN B 246 -3.41 22.87 -34.06
N ALA B 247 -4.43 22.36 -33.36
CA ALA B 247 -5.81 22.72 -33.60
C ALA B 247 -6.16 24.20 -33.26
N ALA B 248 -5.61 24.80 -32.21
CA ALA B 248 -5.82 26.22 -31.97
C ALA B 248 -5.04 26.98 -33.04
N GLU B 249 -3.80 26.63 -33.36
CA GLU B 249 -2.99 27.32 -34.35
C GLU B 249 -3.58 27.32 -35.77
N ALA B 250 -3.81 26.18 -36.38
CA ALA B 250 -4.30 26.07 -37.74
C ALA B 250 -5.64 26.73 -37.95
N ALA B 251 -6.55 26.63 -37.00
CA ALA B 251 -7.86 27.26 -37.14
C ALA B 251 -7.86 28.76 -36.86
N LYS B 252 -6.88 29.26 -36.11
CA LYS B 252 -6.69 30.69 -35.84
C LYS B 252 -6.31 31.37 -37.15
N GLN B 253 -5.47 30.68 -37.94
CA GLN B 253 -4.95 31.22 -39.20
C GLN B 253 -5.89 30.97 -40.34
N ALA B 254 -7.18 30.81 -40.05
CA ALA B 254 -8.18 30.46 -41.03
C ALA B 254 -8.13 31.24 -42.35
N MET C 1 -23.58 -43.95 25.87
CA MET C 1 -22.40 -43.55 26.61
C MET C 1 -21.70 -42.34 25.95
N ARG C 2 -20.97 -42.49 24.81
CA ARG C 2 -20.28 -41.43 24.04
C ARG C 2 -21.14 -40.98 22.87
N HIS C 3 -21.21 -39.71 22.48
CA HIS C 3 -22.12 -39.34 21.41
C HIS C 3 -21.47 -39.52 20.06
N PRO C 4 -22.00 -40.36 19.15
CA PRO C 4 -21.32 -40.69 17.94
C PRO C 4 -21.21 -39.44 17.13
N LEU C 5 -20.19 -39.58 16.30
CA LEU C 5 -19.70 -38.62 15.35
C LEU C 5 -19.33 -39.42 14.12
N VAL C 6 -19.99 -39.05 13.03
CA VAL C 6 -19.64 -39.44 11.67
C VAL C 6 -19.07 -38.17 11.05
N MET C 7 -17.81 -38.21 10.59
CA MET C 7 -17.13 -37.14 9.90
C MET C 7 -16.75 -37.61 8.51
N GLY C 8 -17.03 -36.78 7.49
CA GLY C 8 -16.65 -37.08 6.12
C GLY C 8 -15.42 -36.26 5.68
N ASN C 9 -14.40 -37.01 5.30
CA ASN C 9 -13.15 -36.39 4.93
C ASN C 9 -13.26 -36.45 3.43
N TRP C 10 -13.53 -35.28 2.82
CA TRP C 10 -13.71 -35.20 1.39
C TRP C 10 -12.42 -35.34 0.60
N LYS C 11 -11.20 -35.17 1.20
CA LYS C 11 -9.90 -35.23 0.52
C LYS C 11 -9.83 -34.22 -0.62
N LEU C 12 -9.10 -34.47 -1.70
CA LEU C 12 -8.95 -33.51 -2.79
C LEU C 12 -10.11 -33.67 -3.81
N ASN C 13 -11.28 -33.20 -3.43
CA ASN C 13 -12.42 -33.28 -4.29
C ASN C 13 -13.27 -32.19 -3.74
N GLY C 14 -13.76 -31.31 -4.59
CA GLY C 14 -14.65 -30.28 -4.13
C GLY C 14 -14.69 -29.25 -5.24
N SER C 15 -15.72 -28.45 -5.31
CA SER C 15 -15.82 -27.40 -6.31
C SER C 15 -16.92 -26.49 -5.80
N ARG C 16 -17.12 -25.29 -6.34
CA ARG C 16 -18.24 -24.45 -5.97
C ARG C 16 -19.57 -25.19 -6.16
N HIS C 17 -19.68 -26.01 -7.21
CA HIS C 17 -20.94 -26.70 -7.50
C HIS C 17 -21.21 -27.82 -6.53
N MET C 18 -20.22 -28.70 -6.37
CA MET C 18 -20.38 -29.84 -5.51
C MET C 18 -20.62 -29.35 -4.08
N VAL C 19 -20.02 -28.26 -3.69
CA VAL C 19 -20.26 -27.75 -2.36
C VAL C 19 -21.69 -27.28 -2.25
N HIS C 20 -22.24 -26.50 -3.19
CA HIS C 20 -23.64 -26.14 -3.16
C HIS C 20 -24.47 -27.41 -3.21
N GLU C 21 -24.19 -28.41 -4.02
CA GLU C 21 -25.07 -29.58 -4.12
C GLU C 21 -25.12 -30.48 -2.91
N LEU C 22 -23.98 -31.11 -2.59
CA LEU C 22 -23.88 -32.06 -1.51
C LEU C 22 -24.39 -31.43 -0.23
N VAL C 23 -23.94 -30.24 0.10
CA VAL C 23 -24.31 -29.70 1.37
C VAL C 23 -25.77 -29.33 1.38
N SER C 24 -26.32 -28.72 0.34
CA SER C 24 -27.73 -28.37 0.43
C SER C 24 -28.65 -29.59 0.51
N ASN C 25 -28.19 -30.72 -0.05
CA ASN C 25 -28.93 -31.94 0.10
C ASN C 25 -28.80 -32.46 1.53
N LEU C 26 -27.62 -32.63 2.09
CA LEU C 26 -27.41 -33.05 3.48
C LEU C 26 -28.20 -32.22 4.49
N ARG C 27 -28.26 -30.93 4.28
CA ARG C 27 -28.98 -30.01 5.11
C ARG C 27 -30.42 -30.48 5.08
N LYS C 28 -30.89 -31.00 3.94
CA LYS C 28 -32.28 -31.39 3.82
C LYS C 28 -32.56 -32.79 4.31
N GLU C 29 -31.61 -33.66 3.98
CA GLU C 29 -31.72 -35.06 4.31
C GLU C 29 -31.53 -35.34 5.75
N LEU C 30 -30.69 -34.56 6.42
CA LEU C 30 -30.33 -34.80 7.79
C LEU C 30 -31.18 -33.94 8.71
N ALA C 31 -32.31 -33.36 8.29
CA ALA C 31 -33.17 -32.60 9.21
C ALA C 31 -33.78 -33.52 10.26
N GLY C 32 -33.59 -33.22 11.55
CA GLY C 32 -34.20 -33.99 12.63
C GLY C 32 -33.28 -34.94 13.36
N VAL C 33 -32.14 -35.29 12.75
CA VAL C 33 -31.11 -36.19 13.29
C VAL C 33 -30.58 -35.55 14.55
N ALA C 34 -30.57 -36.40 15.56
CA ALA C 34 -30.15 -36.03 16.88
C ALA C 34 -29.16 -36.99 17.51
N GLY C 35 -29.25 -38.24 17.12
CA GLY C 35 -28.40 -39.27 17.71
C GLY C 35 -26.99 -39.33 17.18
N CYS C 36 -26.68 -38.63 16.10
CA CYS C 36 -25.35 -38.72 15.59
C CYS C 36 -24.85 -37.30 15.44
N ALA C 37 -23.53 -37.08 15.41
CA ALA C 37 -22.92 -35.75 15.21
C ALA C 37 -22.20 -35.97 13.89
N VAL C 38 -22.39 -35.02 12.99
CA VAL C 38 -21.97 -35.08 11.59
C VAL C 38 -21.06 -33.89 11.34
N ALA C 39 -19.97 -34.14 10.69
CA ALA C 39 -19.09 -33.08 10.32
C ALA C 39 -18.55 -33.43 8.94
N ILE C 40 -18.30 -32.40 8.12
CA ILE C 40 -17.71 -32.55 6.81
C ILE C 40 -16.41 -31.70 6.78
N ALA C 41 -15.39 -32.22 6.08
CA ALA C 41 -14.14 -31.48 5.88
C ALA C 41 -13.90 -31.34 4.35
N PRO C 42 -14.41 -30.25 3.72
CA PRO C 42 -14.19 -29.95 2.33
C PRO C 42 -12.72 -29.49 2.19
N PRO C 43 -12.09 -29.48 1.02
CA PRO C 43 -10.88 -28.71 0.79
C PRO C 43 -11.18 -27.28 1.25
N GLU C 44 -10.07 -26.83 1.91
CA GLU C 44 -10.04 -25.62 2.71
C GLU C 44 -10.66 -24.40 2.08
N MET C 45 -10.36 -24.10 0.82
CA MET C 45 -10.97 -22.89 0.28
C MET C 45 -12.51 -23.02 0.21
N TYR C 46 -13.13 -24.19 0.49
CA TYR C 46 -14.57 -24.25 0.49
C TYR C 46 -15.16 -24.31 1.89
N ILE C 47 -14.42 -24.25 3.04
CA ILE C 47 -15.02 -24.31 4.38
C ILE C 47 -16.07 -23.25 4.61
N ASP C 48 -15.79 -22.02 4.24
CA ASP C 48 -16.75 -20.92 4.31
C ASP C 48 -18.08 -21.17 3.54
N MET C 49 -17.92 -21.67 2.33
CA MET C 49 -19.04 -21.79 1.42
C MET C 49 -19.96 -22.92 1.87
N ALA C 50 -19.32 -24.00 2.32
CA ALA C 50 -19.92 -25.11 3.01
C ALA C 50 -20.49 -24.57 4.33
N LYS C 51 -19.85 -23.68 5.04
CA LYS C 51 -20.36 -23.20 6.31
C LYS C 51 -21.68 -22.48 6.08
N ARG C 52 -21.69 -21.62 5.09
CA ARG C 52 -22.86 -20.80 4.83
C ARG C 52 -23.99 -21.70 4.41
N GLU C 53 -23.65 -22.68 3.60
CA GLU C 53 -24.55 -23.72 3.13
C GLU C 53 -25.20 -24.71 4.08
N ALA C 54 -24.47 -24.96 5.16
CA ALA C 54 -24.87 -25.89 6.21
C ALA C 54 -25.75 -25.18 7.22
N GLU C 55 -25.76 -23.83 7.24
CA GLU C 55 -26.56 -23.04 8.17
C GLU C 55 -28.05 -23.39 8.06
N GLY C 56 -28.63 -23.62 9.24
CA GLY C 56 -30.00 -24.13 9.25
C GLY C 56 -30.03 -25.60 9.64
N SER C 57 -28.94 -26.33 9.41
CA SER C 57 -28.79 -27.66 9.96
C SER C 57 -27.74 -27.69 11.08
N HIS C 58 -27.30 -28.88 11.42
CA HIS C 58 -26.38 -29.07 12.49
C HIS C 58 -25.21 -29.86 11.90
N ILE C 59 -24.85 -29.57 10.63
CA ILE C 59 -23.63 -30.11 10.02
C ILE C 59 -22.47 -29.20 10.52
N MET C 60 -21.45 -29.86 11.05
CA MET C 60 -20.30 -29.26 11.68
C MET C 60 -19.23 -29.15 10.64
N LEU C 61 -18.46 -28.08 10.64
CA LEU C 61 -17.35 -28.02 9.74
C LEU C 61 -16.02 -28.38 10.35
N GLY C 62 -15.20 -29.11 9.63
CA GLY C 62 -13.90 -29.53 10.02
C GLY C 62 -12.91 -29.16 8.94
N ALA C 63 -11.65 -29.59 8.92
CA ALA C 63 -10.60 -29.20 7.95
C ALA C 63 -9.75 -30.42 7.83
N GLN C 64 -8.91 -30.56 6.81
CA GLN C 64 -8.03 -31.75 6.66
C GLN C 64 -6.56 -31.69 7.14
N ASN C 65 -6.11 -30.51 7.58
CA ASN C 65 -4.78 -30.39 8.13
C ASN C 65 -4.66 -29.02 8.80
N VAL C 66 -3.61 -28.84 9.63
CA VAL C 66 -3.22 -27.55 10.22
C VAL C 66 -1.71 -27.54 10.02
N ASP C 67 -1.15 -26.38 10.39
CA ASP C 67 0.24 -26.14 10.54
C ASP C 67 0.48 -25.55 11.95
N LEU C 68 1.73 -25.52 12.39
CA LEU C 68 2.05 -25.07 13.76
C LEU C 68 2.02 -23.55 13.97
N ASN C 69 2.11 -22.71 12.91
CA ASN C 69 2.19 -21.29 13.19
C ASN C 69 0.81 -20.73 12.99
N LEU C 70 0.49 -19.78 13.85
CA LEU C 70 -0.77 -19.11 13.83
C LEU C 70 -0.71 -17.82 13.02
N SER C 71 0.40 -17.10 12.97
CA SER C 71 0.47 -15.81 12.28
C SER C 71 1.88 -15.56 11.79
N GLY C 72 2.00 -14.56 10.91
CA GLY C 72 3.29 -14.08 10.53
C GLY C 72 3.69 -14.47 9.14
N ALA C 73 4.99 -14.58 9.02
CA ALA C 73 5.67 -14.74 7.77
C ALA C 73 5.77 -16.16 7.35
N PHE C 74 4.68 -16.91 7.25
CA PHE C 74 4.88 -18.29 6.84
C PHE C 74 3.92 -18.42 5.70
N THR C 75 4.49 -18.29 4.51
CA THR C 75 3.71 -18.41 3.32
C THR C 75 3.33 -19.88 3.19
N GLY C 76 2.04 -19.77 2.99
CA GLY C 76 1.26 -20.89 2.56
C GLY C 76 1.11 -21.90 3.65
N GLU C 77 0.79 -21.48 4.86
CA GLU C 77 0.58 -22.41 5.94
C GLU C 77 -0.85 -22.22 6.39
N THR C 78 -1.39 -23.22 7.09
CA THR C 78 -2.74 -23.13 7.62
C THR C 78 -2.64 -22.85 9.11
N SER C 79 -3.15 -21.70 9.55
CA SER C 79 -3.25 -21.39 10.96
C SER C 79 -4.49 -21.94 11.65
N ALA C 80 -4.33 -22.61 12.77
CA ALA C 80 -5.45 -22.92 13.66
C ALA C 80 -6.35 -21.72 14.07
N ALA C 81 -5.80 -20.54 14.11
CA ALA C 81 -6.57 -19.40 14.51
C ALA C 81 -7.48 -18.96 13.37
N MET C 82 -7.03 -19.26 12.16
CA MET C 82 -7.77 -18.82 10.99
C MET C 82 -8.89 -19.80 10.69
N LEU C 83 -8.62 -21.10 10.78
CA LEU C 83 -9.61 -22.16 10.70
C LEU C 83 -10.79 -21.91 11.65
N LYS C 84 -10.41 -21.63 12.88
CA LYS C 84 -11.37 -21.29 13.89
C LYS C 84 -12.19 -20.06 13.51
N ASP C 85 -11.58 -19.02 12.93
CA ASP C 85 -12.25 -17.79 12.49
C ASP C 85 -13.22 -18.08 11.39
N ILE C 86 -12.80 -18.87 10.43
CA ILE C 86 -13.67 -19.22 9.33
C ILE C 86 -14.77 -20.17 9.76
N GLY C 87 -14.69 -20.91 10.89
CA GLY C 87 -15.77 -21.81 11.27
C GLY C 87 -15.40 -23.27 11.38
N ALA C 88 -14.19 -23.81 11.15
CA ALA C 88 -13.97 -25.23 11.40
C ALA C 88 -13.76 -25.57 12.93
N GLN C 89 -14.19 -26.75 13.41
CA GLN C 89 -13.96 -27.26 14.76
C GLN C 89 -13.15 -28.58 14.75
N TYR C 90 -13.50 -29.54 13.90
CA TYR C 90 -12.83 -30.82 13.81
C TYR C 90 -11.68 -30.76 12.84
N ILE C 91 -10.44 -30.69 13.30
CA ILE C 91 -9.30 -30.59 12.42
C ILE C 91 -8.66 -31.94 12.42
N ILE C 92 -8.61 -32.56 11.24
CA ILE C 92 -8.05 -33.90 11.01
C ILE C 92 -6.58 -33.66 11.08
N ILE C 93 -5.79 -34.47 11.80
CA ILE C 93 -4.35 -34.31 11.81
C ILE C 93 -3.78 -35.72 11.87
N GLY C 94 -2.70 -36.08 11.15
CA GLY C 94 -2.08 -37.39 11.29
C GLY C 94 -2.49 -38.36 10.22
N HIS C 95 -3.39 -37.98 9.31
CA HIS C 95 -3.85 -38.87 8.25
C HIS C 95 -2.76 -39.60 7.49
N SER C 96 -2.81 -40.93 7.28
CA SER C 96 -1.85 -41.69 6.43
C SER C 96 -1.27 -40.95 5.23
N GLU C 97 -2.15 -40.36 4.41
CA GLU C 97 -1.76 -39.48 3.29
C GLU C 97 -0.71 -38.40 3.59
N ARG C 98 -0.77 -37.80 4.78
CA ARG C 98 0.16 -36.81 5.28
C ARG C 98 1.35 -37.54 5.81
N ARG C 99 1.17 -38.51 6.68
CA ARG C 99 2.28 -39.32 7.14
C ARG C 99 3.13 -39.98 6.05
N THR C 100 2.56 -40.39 4.91
CA THR C 100 3.30 -41.07 3.84
C THR C 100 3.73 -40.14 2.72
N TYR C 101 2.72 -39.58 2.03
CA TYR C 101 3.01 -38.69 0.96
C TYR C 101 3.71 -37.45 1.50
N HIS C 102 3.38 -36.94 2.68
CA HIS C 102 4.05 -35.73 3.04
C HIS C 102 5.07 -35.91 4.11
N LYS C 103 5.44 -37.13 4.44
CA LYS C 103 6.48 -37.41 5.42
C LYS C 103 6.33 -36.77 6.81
N GLU C 104 5.08 -36.66 7.23
CA GLU C 104 4.72 -35.96 8.45
C GLU C 104 4.98 -36.85 9.66
N SER C 105 5.89 -36.48 10.55
CA SER C 105 6.24 -37.28 11.72
C SER C 105 5.21 -37.22 12.83
N ASP C 106 5.40 -38.14 13.80
CA ASP C 106 4.63 -38.21 15.04
C ASP C 106 4.87 -36.98 15.90
N GLU C 107 6.12 -36.50 15.94
CA GLU C 107 6.48 -35.28 16.64
C GLU C 107 5.74 -34.06 16.08
N LEU C 108 5.76 -33.92 14.78
CA LEU C 108 5.07 -32.83 14.15
C LEU C 108 3.53 -32.89 14.33
N ILE C 109 2.91 -34.10 14.18
CA ILE C 109 1.49 -34.40 14.39
C ILE C 109 1.17 -34.13 15.86
N ALA C 110 2.03 -34.43 16.85
CA ALA C 110 1.71 -34.16 18.26
C ALA C 110 1.75 -32.68 18.62
N LYS C 111 2.67 -31.93 17.98
CA LYS C 111 2.77 -30.48 18.17
C LYS C 111 1.52 -29.89 17.56
N LYS C 112 0.99 -30.52 16.49
CA LYS C 112 -0.21 -30.02 15.85
C LYS C 112 -1.43 -30.14 16.74
N PHE C 113 -1.48 -31.34 17.34
CA PHE C 113 -2.54 -31.69 18.26
C PHE C 113 -2.55 -30.64 19.37
N ALA C 114 -1.38 -30.35 19.94
CA ALA C 114 -1.32 -29.34 20.97
C ALA C 114 -1.80 -27.96 20.55
N VAL C 115 -1.42 -27.43 19.38
CA VAL C 115 -1.88 -26.13 18.83
C VAL C 115 -3.42 -25.92 18.82
N LEU C 116 -4.05 -26.99 18.28
CA LEU C 116 -5.49 -27.18 18.23
C LEU C 116 -6.15 -27.19 19.60
N LYS C 117 -5.66 -27.96 20.57
CA LYS C 117 -6.29 -27.98 21.86
C LYS C 117 -6.10 -26.63 22.50
N GLU C 118 -4.89 -26.07 22.36
CA GLU C 118 -4.55 -24.73 22.83
C GLU C 118 -5.51 -23.66 22.29
N GLN C 119 -5.89 -23.80 21.01
CA GLN C 119 -6.84 -22.93 20.33
C GLN C 119 -8.29 -23.19 20.56
N GLY C 120 -8.61 -24.35 21.12
CA GLY C 120 -9.99 -24.76 21.38
C GLY C 120 -10.59 -25.51 20.22
N LEU C 121 -9.79 -26.07 19.30
CA LEU C 121 -10.28 -26.86 18.20
C LEU C 121 -10.31 -28.34 18.65
N THR C 122 -11.08 -29.24 18.04
CA THR C 122 -11.18 -30.63 18.46
C THR C 122 -10.27 -31.44 17.59
N PRO C 123 -9.02 -31.80 17.84
CA PRO C 123 -8.30 -32.70 16.97
C PRO C 123 -8.98 -34.05 16.70
N VAL C 124 -8.90 -34.47 15.44
CA VAL C 124 -9.27 -35.82 15.10
C VAL C 124 -7.92 -36.42 14.85
N LEU C 125 -7.31 -37.17 15.77
CA LEU C 125 -6.00 -37.77 15.54
C LEU C 125 -6.13 -39.09 14.80
N CYS C 126 -5.51 -39.22 13.62
CA CYS C 126 -5.65 -40.43 12.83
C CYS C 126 -4.50 -41.35 13.09
N ILE C 127 -4.72 -42.66 13.26
CA ILE C 127 -3.65 -43.62 13.54
C ILE C 127 -3.94 -44.87 12.75
N GLY C 128 -3.06 -45.81 12.70
CA GLY C 128 -3.30 -47.03 12.00
C GLY C 128 -1.97 -47.57 11.52
N GLU C 129 -1.95 -48.85 11.15
CA GLU C 129 -0.79 -49.60 10.68
C GLU C 129 -0.96 -49.97 9.21
N THR C 130 0.15 -50.35 8.60
CA THR C 130 0.21 -50.71 7.20
C THR C 130 -0.01 -52.19 7.02
N GLU C 131 -0.21 -52.73 5.82
CA GLU C 131 -0.33 -54.17 5.73
C GLU C 131 0.93 -54.85 6.26
N ALA C 132 2.14 -54.36 5.97
CA ALA C 132 3.39 -54.94 6.53
C ALA C 132 3.42 -55.07 8.05
N GLU C 133 3.12 -53.97 8.76
CA GLU C 133 3.05 -53.92 10.22
C GLU C 133 1.92 -54.79 10.78
N ASN C 134 0.93 -54.98 9.94
CA ASN C 134 -0.19 -55.81 10.28
C ASN C 134 0.24 -57.28 10.30
N GLU C 135 0.87 -57.77 9.22
CA GLU C 135 1.30 -59.16 9.08
C GLU C 135 2.41 -59.49 10.08
N ALA C 136 3.33 -58.54 10.30
CA ALA C 136 4.36 -58.63 11.33
C ALA C 136 3.83 -58.70 12.78
N GLY C 137 2.70 -58.06 13.02
CA GLY C 137 2.12 -58.07 14.32
C GLY C 137 2.39 -56.78 15.04
N LYS C 138 2.96 -55.81 14.35
CA LYS C 138 3.29 -54.58 15.02
C LYS C 138 2.10 -53.66 15.22
N THR C 139 0.87 -54.01 14.79
CA THR C 139 -0.37 -53.26 15.00
C THR C 139 -0.52 -52.51 16.34
N GLU C 140 -0.31 -53.27 17.41
CA GLU C 140 -0.50 -52.82 18.76
C GLU C 140 0.52 -51.73 19.00
N GLU C 141 1.73 -52.14 18.64
CA GLU C 141 2.95 -51.37 18.83
C GLU C 141 2.85 -50.06 18.08
N VAL C 142 2.43 -50.09 16.81
CA VAL C 142 2.30 -48.91 15.96
C VAL C 142 1.21 -47.98 16.52
N CYS C 143 -0.02 -48.46 16.68
CA CYS C 143 -1.06 -47.70 17.32
C CYS C 143 -0.69 -47.00 18.62
N ALA C 144 -0.12 -47.74 19.58
CA ALA C 144 0.25 -47.17 20.86
C ALA C 144 1.34 -46.14 20.68
N ARG C 145 2.38 -46.41 19.86
CA ARG C 145 3.47 -45.48 19.53
C ARG C 145 2.97 -44.12 19.12
N GLN C 146 2.09 -44.22 18.18
CA GLN C 146 1.44 -43.06 17.66
C GLN C 146 0.54 -42.35 18.66
N ILE C 147 -0.09 -43.00 19.66
CA ILE C 147 -0.88 -42.31 20.71
C ILE C 147 0.05 -41.62 21.74
N ASP C 148 1.12 -42.33 22.04
CA ASP C 148 2.07 -41.90 23.02
C ASP C 148 2.76 -40.64 22.63
N ALA C 149 2.94 -40.35 21.32
CA ALA C 149 3.50 -39.09 20.86
C ALA C 149 2.70 -37.98 21.52
N VAL C 150 1.37 -38.00 21.61
CA VAL C 150 0.67 -36.96 22.35
C VAL C 150 0.59 -37.30 23.85
N LEU C 151 0.20 -38.55 24.14
CA LEU C 151 -0.05 -39.05 25.49
C LEU C 151 1.09 -38.88 26.47
N LYS C 152 2.27 -39.32 26.12
CA LYS C 152 3.36 -39.26 27.03
C LYS C 152 4.04 -37.91 27.08
N THR C 153 3.64 -36.92 26.30
CA THR C 153 4.34 -35.68 26.29
C THR C 153 3.40 -34.63 26.88
N GLN C 154 2.17 -34.64 26.43
CA GLN C 154 1.16 -33.69 26.87
C GLN C 154 0.24 -34.24 27.96
N GLY C 155 0.19 -35.56 28.11
CA GLY C 155 -0.60 -36.19 29.14
C GLY C 155 -1.90 -36.73 28.62
N ALA C 156 -2.68 -37.38 29.49
CA ALA C 156 -3.97 -37.89 29.06
C ALA C 156 -4.97 -36.74 29.03
N ALA C 157 -4.73 -35.59 29.68
CA ALA C 157 -5.71 -34.47 29.63
C ALA C 157 -5.83 -33.90 28.21
N ALA C 158 -4.87 -34.24 27.32
CA ALA C 158 -4.81 -33.84 25.94
C ALA C 158 -6.02 -34.43 25.23
N PHE C 159 -6.42 -35.60 25.71
CA PHE C 159 -7.50 -36.29 25.11
C PHE C 159 -8.85 -35.89 25.59
N GLU C 160 -8.96 -34.94 26.50
CA GLU C 160 -10.26 -34.59 27.00
C GLU C 160 -10.90 -33.83 25.84
N GLY C 161 -11.89 -34.38 25.16
CA GLY C 161 -12.50 -33.74 24.00
C GLY C 161 -11.87 -33.99 22.61
N ALA C 162 -11.02 -34.99 22.44
CA ALA C 162 -10.36 -35.30 21.20
C ALA C 162 -11.04 -36.58 20.69
N VAL C 163 -10.74 -36.81 19.42
CA VAL C 163 -11.27 -37.95 18.73
C VAL C 163 -10.02 -38.63 18.21
N ILE C 164 -10.02 -39.95 18.23
CA ILE C 164 -8.99 -40.77 17.60
C ILE C 164 -9.76 -41.46 16.47
N ALA C 165 -9.14 -41.51 15.27
CA ALA C 165 -9.68 -42.27 14.17
C ALA C 165 -8.62 -43.25 13.74
N TYR C 166 -9.02 -44.50 13.87
CA TYR C 166 -8.23 -45.69 13.58
C TYR C 166 -8.37 -46.03 12.12
N GLU C 167 -7.52 -45.61 11.23
CA GLU C 167 -7.65 -45.96 9.84
C GLU C 167 -6.54 -46.96 9.58
N PRO C 168 -6.84 -48.26 9.44
CA PRO C 168 -5.88 -49.26 9.00
C PRO C 168 -5.42 -48.81 7.64
N VAL C 169 -4.12 -48.57 7.50
CA VAL C 169 -3.66 -48.13 6.20
C VAL C 169 -3.98 -49.18 5.14
N TRP C 170 -3.95 -50.47 5.43
CA TRP C 170 -4.33 -51.43 4.39
C TRP C 170 -5.87 -51.38 4.05
N ALA C 171 -6.68 -50.58 4.75
CA ALA C 171 -8.11 -50.48 4.52
C ALA C 171 -8.62 -49.23 3.83
N ILE C 172 -7.72 -48.23 3.72
CA ILE C 172 -8.05 -46.92 3.15
C ILE C 172 -8.04 -46.89 1.62
N GLY C 173 -9.19 -46.58 1.03
CA GLY C 173 -9.34 -46.57 -0.42
C GLY C 173 -9.09 -47.93 -1.07
N THR C 174 -9.03 -49.00 -0.28
CA THR C 174 -8.70 -50.30 -0.80
C THR C 174 -9.97 -51.06 -1.05
N GLY C 175 -10.95 -50.97 -0.15
CA GLY C 175 -12.19 -51.73 -0.28
C GLY C 175 -12.23 -52.80 0.81
N LYS C 176 -11.05 -53.08 1.31
CA LYS C 176 -10.85 -54.10 2.29
C LYS C 176 -11.00 -53.30 3.58
N SER C 177 -12.05 -53.45 4.37
CA SER C 177 -12.04 -52.81 5.68
C SER C 177 -11.54 -53.85 6.74
N ALA C 178 -11.59 -53.43 8.01
CA ALA C 178 -11.38 -54.33 9.13
C ALA C 178 -12.76 -54.94 9.34
N THR C 179 -12.82 -56.25 9.67
CA THR C 179 -14.09 -56.83 10.12
C THR C 179 -14.48 -56.17 11.45
N PRO C 180 -15.73 -56.07 11.85
CA PRO C 180 -16.16 -55.54 13.15
C PRO C 180 -15.27 -56.06 14.28
N ALA C 181 -14.95 -57.36 14.23
CA ALA C 181 -14.05 -57.96 15.20
C ALA C 181 -12.67 -57.30 15.15
N GLN C 182 -12.00 -57.19 14.00
CA GLN C 182 -10.68 -56.56 13.93
C GLN C 182 -10.69 -55.11 14.45
N ALA C 183 -11.71 -54.39 14.01
CA ALA C 183 -11.86 -53.01 14.37
C ALA C 183 -11.99 -52.78 15.88
N GLN C 184 -12.99 -53.45 16.50
CA GLN C 184 -13.32 -53.37 17.92
C GLN C 184 -12.14 -53.79 18.80
N ALA C 185 -11.41 -54.84 18.46
CA ALA C 185 -10.20 -55.25 19.13
C ALA C 185 -9.13 -54.14 19.30
N VAL C 186 -8.81 -53.42 18.20
CA VAL C 186 -7.85 -52.33 18.21
C VAL C 186 -8.43 -51.16 18.94
N HIS C 187 -9.70 -50.80 18.78
CA HIS C 187 -10.34 -49.67 19.50
C HIS C 187 -10.37 -49.93 21.01
N LYS C 188 -10.58 -51.19 21.40
CA LYS C 188 -10.56 -51.60 22.78
C LYS C 188 -9.12 -51.44 23.19
N PHE C 189 -8.13 -51.95 22.45
CA PHE C 189 -6.70 -51.70 22.75
C PHE C 189 -6.37 -50.23 23.02
N ILE C 190 -6.58 -49.36 22.05
CA ILE C 190 -6.42 -47.91 22.17
C ILE C 190 -7.12 -47.39 23.45
N ARG C 191 -8.36 -47.81 23.67
CA ARG C 191 -9.05 -47.36 24.85
C ARG C 191 -8.26 -47.82 26.07
N ASP C 192 -7.90 -49.12 26.17
CA ASP C 192 -7.17 -49.67 27.29
C ASP C 192 -5.88 -48.93 27.52
N HIS C 193 -5.13 -48.72 26.46
CA HIS C 193 -3.89 -48.02 26.52
C HIS C 193 -4.00 -46.59 27.02
N ILE C 194 -5.13 -45.91 27.00
CA ILE C 194 -5.14 -44.54 27.50
C ILE C 194 -5.63 -44.64 28.92
N ALA C 195 -6.52 -45.59 29.18
CA ALA C 195 -7.09 -45.85 30.50
C ALA C 195 -6.04 -46.18 31.54
N LYS C 196 -4.92 -46.78 31.09
CA LYS C 196 -3.77 -47.07 31.93
C LYS C 196 -3.17 -45.84 32.51
N VAL C 197 -3.30 -44.71 31.83
CA VAL C 197 -2.79 -43.42 32.27
C VAL C 197 -3.91 -42.67 32.95
N ASP C 198 -5.13 -42.69 32.42
CA ASP C 198 -6.26 -42.05 33.06
C ASP C 198 -7.50 -42.77 32.53
N ALA C 199 -8.26 -43.43 33.40
CA ALA C 199 -9.42 -44.21 32.98
C ALA C 199 -10.62 -43.39 32.62
N ASN C 200 -10.77 -42.35 33.41
CA ASN C 200 -11.83 -41.37 33.26
C ASN C 200 -11.79 -40.74 31.85
N ILE C 201 -10.60 -40.33 31.41
CA ILE C 201 -10.42 -39.80 30.05
C ILE C 201 -10.57 -40.89 28.95
N ALA C 202 -10.10 -42.12 29.14
CA ALA C 202 -10.35 -43.22 28.23
C ALA C 202 -11.83 -43.37 28.02
N GLU C 203 -12.70 -43.14 29.01
CA GLU C 203 -14.11 -43.31 28.76
C GLU C 203 -14.74 -42.31 27.82
N GLN C 204 -14.26 -41.08 27.75
CA GLN C 204 -14.87 -40.07 26.90
C GLN C 204 -14.24 -39.80 25.54
N VAL C 205 -13.16 -40.48 25.17
CA VAL C 205 -12.51 -40.16 23.93
C VAL C 205 -13.29 -40.88 22.84
N ILE C 206 -13.70 -40.17 21.75
CA ILE C 206 -14.40 -40.78 20.60
C ILE C 206 -13.38 -41.56 19.75
N ILE C 207 -13.57 -42.83 19.46
CA ILE C 207 -12.61 -43.59 18.69
C ILE C 207 -13.43 -44.11 17.51
N GLN C 208 -13.30 -43.28 16.49
CA GLN C 208 -13.88 -43.53 15.19
C GLN C 208 -13.05 -44.53 14.38
N TYR C 209 -13.78 -45.25 13.53
CA TYR C 209 -13.21 -46.19 12.60
C TYR C 209 -13.24 -45.52 11.23
N GLY C 210 -12.24 -45.76 10.40
CA GLY C 210 -12.24 -45.25 9.04
C GLY C 210 -11.60 -46.32 8.17
N GLY C 211 -11.79 -46.29 6.87
CA GLY C 211 -11.14 -47.27 6.01
C GLY C 211 -12.23 -47.99 5.31
N SER C 212 -12.50 -47.68 4.03
CA SER C 212 -13.54 -48.26 3.24
C SER C 212 -14.82 -48.60 3.99
N VAL C 213 -15.36 -47.59 4.68
CA VAL C 213 -16.67 -47.68 5.30
C VAL C 213 -17.66 -47.00 4.27
N ASN C 214 -18.84 -47.63 4.24
CA ASN C 214 -19.95 -47.37 3.32
C ASN C 214 -21.24 -47.87 3.98
N ALA C 215 -22.37 -47.87 3.27
CA ALA C 215 -23.62 -48.22 3.91
C ALA C 215 -23.75 -49.69 4.24
N SER C 216 -23.10 -50.54 3.45
CA SER C 216 -23.09 -51.96 3.71
C SER C 216 -22.47 -52.25 5.07
N ASN C 217 -21.25 -51.78 5.30
CA ASN C 217 -20.63 -52.16 6.52
C ASN C 217 -20.83 -51.19 7.70
N ALA C 218 -21.47 -50.05 7.50
CA ALA C 218 -21.66 -49.14 8.58
C ALA C 218 -22.38 -49.70 9.78
N ALA C 219 -23.48 -50.44 9.64
CA ALA C 219 -24.18 -50.99 10.84
C ALA C 219 -23.40 -52.03 11.59
N GLU C 220 -22.83 -53.03 10.93
CA GLU C 220 -22.11 -54.06 11.61
C GLU C 220 -20.92 -53.43 12.29
N LEU C 221 -20.24 -52.46 11.70
CA LEU C 221 -19.09 -51.94 12.38
C LEU C 221 -19.60 -51.13 13.53
N PHE C 222 -20.72 -50.42 13.45
CA PHE C 222 -21.17 -49.62 14.58
C PHE C 222 -21.76 -50.42 15.76
N ALA C 223 -22.06 -51.72 15.55
CA ALA C 223 -22.56 -52.64 16.57
C ALA C 223 -21.54 -52.96 17.64
N GLN C 224 -20.32 -52.53 17.45
CA GLN C 224 -19.25 -52.81 18.35
C GLN C 224 -19.30 -51.74 19.37
N HIS C 225 -18.65 -52.18 20.41
CA HIS C 225 -18.76 -51.52 21.68
C HIS C 225 -17.80 -50.34 21.78
N ASP C 226 -16.64 -50.48 21.14
CA ASP C 226 -15.70 -49.38 21.13
C ASP C 226 -15.59 -48.61 19.82
N VAL C 227 -16.49 -48.83 18.87
CA VAL C 227 -16.47 -48.09 17.61
C VAL C 227 -17.47 -46.97 17.81
N ASP C 228 -16.96 -45.74 17.97
CA ASP C 228 -17.79 -44.56 18.30
C ASP C 228 -18.32 -43.66 17.18
N GLY C 229 -18.05 -44.03 15.95
CA GLY C 229 -18.48 -43.25 14.83
C GLY C 229 -17.54 -43.55 13.67
N PHE C 230 -17.50 -42.71 12.63
CA PHE C 230 -16.72 -43.11 11.48
C PHE C 230 -15.98 -41.97 10.85
N LEU C 231 -14.83 -42.21 10.24
CA LEU C 231 -14.18 -41.13 9.51
C LEU C 231 -14.28 -41.70 8.11
N VAL C 232 -15.31 -41.20 7.41
CA VAL C 232 -15.76 -41.70 6.09
C VAL C 232 -15.05 -40.88 5.04
N GLY C 233 -14.44 -41.54 4.08
CA GLY C 233 -13.72 -40.85 3.05
C GLY C 233 -14.52 -40.88 1.78
N GLY C 234 -14.33 -41.93 0.96
CA GLY C 234 -15.01 -42.04 -0.32
C GLY C 234 -16.49 -41.78 -0.30
N ALA C 235 -17.22 -42.54 0.49
CA ALA C 235 -18.66 -42.38 0.63
C ALA C 235 -19.15 -41.00 1.05
N SER C 236 -18.24 -40.08 1.51
CA SER C 236 -18.54 -38.73 1.93
C SER C 236 -19.18 -37.96 0.84
N LEU C 237 -18.57 -38.25 -0.33
CA LEU C 237 -18.96 -37.63 -1.59
C LEU C 237 -20.22 -38.20 -2.27
N LYS C 238 -20.76 -39.32 -1.78
CA LYS C 238 -21.92 -39.98 -2.33
C LYS C 238 -23.09 -39.76 -1.36
N PRO C 239 -24.39 -39.97 -1.72
CA PRO C 239 -25.55 -39.84 -0.85
C PRO C 239 -25.68 -40.95 0.19
N GLU C 240 -24.84 -41.98 -0.03
CA GLU C 240 -24.60 -43.16 0.78
C GLU C 240 -24.24 -42.80 2.20
N PHE C 241 -23.66 -41.59 2.29
CA PHE C 241 -23.18 -40.90 3.47
C PHE C 241 -24.31 -40.78 4.43
N VAL C 242 -25.50 -40.36 3.98
CA VAL C 242 -26.62 -40.24 4.93
C VAL C 242 -27.01 -41.58 5.53
N ASP C 243 -26.86 -42.67 4.77
CA ASP C 243 -27.13 -44.00 5.28
C ASP C 243 -26.22 -44.38 6.41
N ILE C 244 -24.93 -44.12 6.27
CA ILE C 244 -23.96 -44.37 7.33
C ILE C 244 -24.40 -43.56 8.56
N ILE C 245 -24.90 -42.32 8.41
CA ILE C 245 -25.22 -41.50 9.54
C ILE C 245 -26.38 -42.12 10.23
N ASN C 246 -27.34 -42.65 9.47
CA ASN C 246 -28.47 -43.30 10.06
C ASN C 246 -28.00 -44.59 10.73
N ALA C 247 -26.99 -45.33 10.30
CA ALA C 247 -26.53 -46.53 10.98
C ALA C 247 -26.09 -46.18 12.39
N ALA C 248 -25.32 -45.08 12.51
CA ALA C 248 -24.88 -44.60 13.80
C ALA C 248 -26.05 -44.03 14.61
N GLU C 249 -26.94 -43.26 14.04
CA GLU C 249 -28.03 -42.65 14.78
C GLU C 249 -29.00 -43.61 15.46
N ALA C 250 -29.54 -44.49 14.65
CA ALA C 250 -30.57 -45.44 15.06
C ALA C 250 -30.03 -46.48 16.01
N ALA C 251 -28.78 -46.90 15.78
CA ALA C 251 -28.21 -47.85 16.70
C ALA C 251 -28.03 -47.15 18.04
N LYS C 252 -27.57 -45.88 18.03
CA LYS C 252 -27.35 -45.07 19.24
C LYS C 252 -28.61 -45.00 20.11
N GLN C 253 -29.78 -44.93 19.48
CA GLN C 253 -31.04 -44.92 20.21
C GLN C 253 -31.64 -46.32 20.11
N ALA C 254 -30.83 -47.35 20.38
CA ALA C 254 -31.29 -48.72 20.36
C ALA C 254 -32.49 -48.94 21.27
N MET D 1 6.05 -0.88 -22.11
CA MET D 1 6.61 -2.10 -22.67
C MET D 1 5.86 -3.02 -21.74
N ARG D 2 6.41 -3.86 -20.87
CA ARG D 2 5.62 -4.67 -19.94
C ARG D 2 4.70 -3.87 -19.02
N HIS D 3 3.47 -4.35 -18.84
CA HIS D 3 2.55 -3.73 -17.91
C HIS D 3 2.95 -4.21 -16.51
N PRO D 4 3.22 -3.37 -15.50
CA PRO D 4 3.48 -3.79 -14.14
C PRO D 4 2.32 -4.55 -13.53
N LEU D 5 2.77 -5.28 -12.51
CA LEU D 5 1.97 -6.09 -11.59
C LEU D 5 2.56 -5.81 -10.23
N VAL D 6 1.75 -5.43 -9.29
CA VAL D 6 2.17 -5.41 -7.93
C VAL D 6 1.28 -6.47 -7.30
N MET D 7 1.93 -7.46 -6.72
CA MET D 7 1.23 -8.54 -6.07
C MET D 7 1.51 -8.48 -4.59
N GLY D 8 0.48 -8.31 -3.74
CA GLY D 8 0.66 -8.35 -2.30
C GLY D 8 0.54 -9.75 -1.74
N ASN D 9 1.65 -10.35 -1.24
CA ASN D 9 1.63 -11.65 -0.54
C ASN D 9 1.26 -11.41 0.96
N TRP D 10 0.13 -11.92 1.50
CA TRP D 10 -0.23 -11.59 2.87
C TRP D 10 0.48 -12.48 3.88
N LYS D 11 1.06 -13.60 3.42
CA LYS D 11 1.62 -14.63 4.28
C LYS D 11 0.54 -15.18 5.23
N LEU D 12 0.90 -15.66 6.40
CA LEU D 12 -0.02 -16.24 7.37
C LEU D 12 -0.70 -15.13 8.19
N ASN D 13 -1.56 -14.31 7.59
CA ASN D 13 -2.21 -13.20 8.28
C ASN D 13 -3.51 -12.94 7.58
N GLY D 14 -4.58 -12.90 8.40
CA GLY D 14 -5.92 -12.61 7.92
C GLY D 14 -7.00 -12.96 8.95
N SER D 15 -8.20 -12.44 8.68
CA SER D 15 -9.44 -12.74 9.40
C SER D 15 -10.68 -12.24 8.62
N ARG D 16 -11.90 -12.64 8.91
CA ARG D 16 -13.09 -12.16 8.20
C ARG D 16 -13.19 -10.64 8.23
N HIS D 17 -12.85 -10.05 9.37
CA HIS D 17 -12.90 -8.61 9.46
C HIS D 17 -11.84 -7.91 8.62
N MET D 18 -10.56 -8.30 8.72
CA MET D 18 -9.48 -7.69 7.96
C MET D 18 -9.77 -7.87 6.48
N VAL D 19 -10.15 -9.08 6.04
CA VAL D 19 -10.33 -9.30 4.64
C VAL D 19 -11.42 -8.36 4.17
N HIS D 20 -12.49 -8.23 4.95
CA HIS D 20 -13.52 -7.29 4.57
C HIS D 20 -12.89 -5.93 4.39
N GLU D 21 -12.21 -5.47 5.42
CA GLU D 21 -11.65 -4.13 5.48
C GLU D 21 -10.68 -3.81 4.36
N LEU D 22 -9.53 -4.52 4.29
CA LEU D 22 -8.49 -4.24 3.33
C LEU D 22 -9.07 -4.34 1.97
N VAL D 23 -9.84 -5.36 1.60
CA VAL D 23 -10.25 -5.45 0.21
C VAL D 23 -11.30 -4.42 -0.08
N SER D 24 -12.25 -4.17 0.79
CA SER D 24 -13.18 -3.12 0.51
C SER D 24 -12.56 -1.77 0.44
N ASN D 25 -11.41 -1.52 1.05
CA ASN D 25 -10.80 -0.21 0.99
C ASN D 25 -10.02 -0.13 -0.31
N LEU D 26 -9.10 -1.05 -0.56
CA LEU D 26 -8.35 -1.19 -1.81
C LEU D 26 -9.25 -0.93 -3.01
N ARG D 27 -10.41 -1.67 -3.01
CA ARG D 27 -11.45 -1.60 -4.02
C ARG D 27 -11.74 -0.14 -4.33
N LYS D 28 -11.97 0.69 -3.33
CA LYS D 28 -12.31 2.07 -3.54
C LYS D 28 -11.02 2.84 -3.80
N GLU D 29 -9.91 2.65 -3.07
CA GLU D 29 -8.71 3.41 -3.30
C GLU D 29 -8.10 3.12 -4.63
N LEU D 30 -8.43 2.03 -5.31
CA LEU D 30 -7.80 1.78 -6.60
C LEU D 30 -8.80 2.02 -7.72
N ALA D 31 -9.82 2.88 -7.58
CA ALA D 31 -10.77 3.07 -8.67
C ALA D 31 -10.20 4.02 -9.74
N GLY D 32 -9.87 3.48 -10.94
CA GLY D 32 -9.30 4.29 -12.03
C GLY D 32 -7.77 4.17 -12.12
N VAL D 33 -7.15 3.25 -11.43
CA VAL D 33 -5.74 2.97 -11.61
C VAL D 33 -5.69 2.05 -12.85
N ALA D 34 -5.05 2.40 -13.97
CA ALA D 34 -4.89 1.46 -15.07
C ALA D 34 -3.45 1.12 -15.39
N GLY D 35 -2.46 1.87 -14.87
CA GLY D 35 -1.05 1.70 -15.21
C GLY D 35 -0.25 0.64 -14.43
N CYS D 36 -0.97 -0.18 -13.63
CA CYS D 36 -0.44 -1.29 -12.82
C CYS D 36 -1.56 -2.33 -12.71
N ALA D 37 -1.17 -3.60 -12.66
CA ALA D 37 -2.02 -4.75 -12.44
C ALA D 37 -1.80 -5.03 -10.96
N VAL D 38 -2.86 -5.31 -10.18
CA VAL D 38 -2.83 -5.61 -8.73
C VAL D 38 -3.35 -7.05 -8.50
N ALA D 39 -2.78 -7.76 -7.53
CA ALA D 39 -3.23 -9.08 -7.14
C ALA D 39 -2.99 -9.31 -5.63
N ILE D 40 -3.95 -9.81 -4.87
CA ILE D 40 -3.74 -10.03 -3.46
C ILE D 40 -3.81 -11.54 -3.23
N ALA D 41 -2.93 -12.07 -2.34
CA ALA D 41 -2.87 -13.49 -2.01
C ALA D 41 -3.24 -13.60 -0.54
N PRO D 42 -4.55 -13.65 -0.23
CA PRO D 42 -5.05 -13.89 1.10
C PRO D 42 -4.73 -15.34 1.48
N PRO D 43 -4.71 -15.71 2.78
CA PRO D 43 -4.66 -17.09 3.22
C PRO D 43 -5.81 -17.90 2.54
N GLU D 44 -5.55 -19.12 2.05
CA GLU D 44 -6.49 -19.92 1.22
C GLU D 44 -7.91 -20.11 1.71
N MET D 45 -8.20 -20.17 3.01
CA MET D 45 -9.60 -20.20 3.41
C MET D 45 -10.28 -18.81 3.24
N TYR D 46 -9.60 -17.81 2.68
CA TYR D 46 -10.10 -16.46 2.48
C TYR D 46 -10.02 -16.02 1.03
N ILE D 47 -9.48 -16.78 0.04
CA ILE D 47 -9.51 -16.37 -1.36
C ILE D 47 -10.95 -16.04 -1.82
N ASP D 48 -11.93 -16.96 -1.80
CA ASP D 48 -13.33 -16.72 -2.11
C ASP D 48 -13.90 -15.47 -1.43
N MET D 49 -13.78 -15.42 -0.12
CA MET D 49 -14.29 -14.29 0.65
C MET D 49 -13.72 -12.97 0.09
N ALA D 50 -12.39 -12.94 -0.15
CA ALA D 50 -11.69 -11.78 -0.73
C ALA D 50 -12.07 -11.62 -2.17
N LYS D 51 -12.41 -12.68 -2.89
CA LYS D 51 -12.80 -12.62 -4.28
C LYS D 51 -14.13 -11.93 -4.40
N ARG D 52 -15.08 -12.26 -3.54
CA ARG D 52 -16.43 -11.72 -3.66
C ARG D 52 -16.41 -10.24 -3.42
N GLU D 53 -15.66 -9.93 -2.39
CA GLU D 53 -15.41 -8.60 -1.89
C GLU D 53 -14.70 -7.62 -2.87
N ALA D 54 -13.87 -8.21 -3.74
CA ALA D 54 -13.11 -7.47 -4.72
C ALA D 54 -13.89 -7.38 -6.01
N GLU D 55 -15.05 -8.00 -6.22
CA GLU D 55 -15.82 -7.87 -7.46
C GLU D 55 -16.17 -6.40 -7.67
N GLY D 56 -15.92 -6.16 -8.98
CA GLY D 56 -16.14 -4.86 -9.60
C GLY D 56 -14.88 -4.01 -9.71
N SER D 57 -13.81 -4.44 -9.04
CA SER D 57 -12.58 -3.74 -9.18
C SER D 57 -11.78 -4.71 -10.01
N HIS D 58 -10.52 -4.37 -10.15
CA HIS D 58 -9.66 -5.19 -10.97
C HIS D 58 -8.47 -5.73 -10.13
N ILE D 59 -8.83 -6.08 -8.87
CA ILE D 59 -7.98 -6.72 -7.91
C ILE D 59 -8.11 -8.20 -8.27
N MET D 60 -6.99 -8.75 -8.68
CA MET D 60 -6.92 -10.11 -9.15
C MET D 60 -6.53 -10.93 -7.95
N LEU D 61 -6.99 -12.18 -7.87
CA LEU D 61 -6.61 -12.96 -6.76
C LEU D 61 -5.55 -13.95 -7.15
N GLY D 62 -4.80 -14.18 -6.09
CA GLY D 62 -3.72 -15.12 -6.14
C GLY D 62 -3.85 -16.08 -4.98
N ALA D 63 -2.94 -17.05 -4.92
CA ALA D 63 -2.87 -18.00 -3.82
C ALA D 63 -1.40 -18.14 -3.38
N GLN D 64 -1.09 -18.69 -2.20
CA GLN D 64 0.30 -18.73 -1.76
C GLN D 64 1.11 -20.01 -2.03
N ASN D 65 0.48 -21.07 -2.57
CA ASN D 65 1.12 -22.37 -2.79
C ASN D 65 0.10 -23.27 -3.52
N VAL D 66 0.53 -24.30 -4.26
CA VAL D 66 -0.31 -25.35 -4.85
C VAL D 66 0.37 -26.65 -4.50
N ASP D 67 -0.29 -27.77 -4.71
CA ASP D 67 0.40 -29.04 -4.58
C ASP D 67 0.34 -29.67 -5.95
N LEU D 68 0.98 -30.78 -6.27
CA LEU D 68 0.91 -31.30 -7.63
C LEU D 68 -0.38 -32.01 -8.12
N ASN D 69 -1.27 -32.48 -7.26
CA ASN D 69 -2.46 -33.21 -7.71
C ASN D 69 -3.64 -32.25 -7.81
N LEU D 70 -4.54 -32.76 -8.65
CA LEU D 70 -5.76 -32.05 -9.00
C LEU D 70 -7.02 -32.54 -8.31
N SER D 71 -7.10 -33.86 -8.11
CA SER D 71 -8.21 -34.44 -7.39
C SER D 71 -7.65 -35.72 -6.81
N GLY D 72 -8.46 -36.30 -5.93
CA GLY D 72 -8.15 -37.61 -5.43
C GLY D 72 -8.05 -37.74 -3.93
N ALA D 73 -7.34 -38.82 -3.68
CA ALA D 73 -7.13 -39.26 -2.35
C ALA D 73 -5.91 -38.60 -1.73
N PHE D 74 -5.80 -37.25 -1.65
CA PHE D 74 -4.64 -36.62 -1.06
C PHE D 74 -5.13 -35.58 -0.08
N THR D 75 -5.20 -36.02 1.17
CA THR D 75 -5.66 -35.20 2.25
C THR D 75 -4.56 -34.19 2.58
N GLY D 76 -5.17 -33.00 2.75
CA GLY D 76 -4.62 -31.72 3.12
C GLY D 76 -3.91 -31.01 1.98
N GLU D 77 -4.26 -31.26 0.70
CA GLU D 77 -3.58 -30.70 -0.44
C GLU D 77 -4.36 -29.65 -1.20
N THR D 78 -3.68 -28.80 -1.95
CA THR D 78 -4.32 -27.72 -2.69
C THR D 78 -4.20 -28.04 -4.18
N SER D 79 -5.34 -28.31 -4.81
CA SER D 79 -5.40 -28.57 -6.21
C SER D 79 -5.45 -27.23 -6.90
N ALA D 80 -4.70 -27.30 -8.02
CA ALA D 80 -4.56 -26.18 -8.92
C ALA D 80 -5.85 -25.85 -9.68
N ALA D 81 -6.55 -26.97 -9.95
CA ALA D 81 -7.82 -26.96 -10.63
C ALA D 81 -8.87 -26.34 -9.69
N MET D 82 -8.70 -26.52 -8.37
CA MET D 82 -9.59 -26.00 -7.33
C MET D 82 -9.33 -24.51 -7.06
N LEU D 83 -8.04 -24.14 -7.06
CA LEU D 83 -7.62 -22.74 -6.93
C LEU D 83 -8.19 -22.00 -8.10
N LYS D 84 -8.18 -22.63 -9.28
CA LYS D 84 -8.82 -22.01 -10.45
C LYS D 84 -10.34 -21.81 -10.31
N ASP D 85 -11.02 -22.78 -9.68
CA ASP D 85 -12.44 -22.75 -9.42
C ASP D 85 -12.76 -21.68 -8.42
N ILE D 86 -11.89 -21.42 -7.46
CA ILE D 86 -12.28 -20.37 -6.58
C ILE D 86 -11.95 -18.98 -7.13
N GLY D 87 -11.35 -18.93 -8.30
CA GLY D 87 -10.96 -17.66 -8.87
C GLY D 87 -9.53 -17.16 -8.53
N ALA D 88 -8.56 -18.03 -8.19
CA ALA D 88 -7.18 -17.58 -8.02
C ALA D 88 -6.52 -17.61 -9.41
N GLN D 89 -5.76 -16.60 -9.80
CA GLN D 89 -5.01 -16.62 -11.06
C GLN D 89 -3.49 -16.68 -10.83
N TYR D 90 -2.91 -15.84 -9.98
CA TYR D 90 -1.47 -15.72 -9.73
C TYR D 90 -1.12 -16.71 -8.62
N ILE D 91 -0.27 -17.72 -8.70
CA ILE D 91 -0.09 -18.65 -7.60
C ILE D 91 1.34 -18.56 -7.25
N ILE D 92 1.71 -18.26 -6.03
CA ILE D 92 3.11 -18.15 -5.67
C ILE D 92 3.68 -19.55 -5.38
N ILE D 93 4.85 -19.82 -5.91
CA ILE D 93 5.54 -21.08 -5.73
C ILE D 93 7.04 -20.78 -5.53
N GLY D 94 7.77 -21.64 -4.82
CA GLY D 94 9.19 -21.42 -4.65
C GLY D 94 9.60 -20.35 -3.64
N HIS D 95 8.69 -19.69 -2.91
CA HIS D 95 9.05 -18.71 -1.88
C HIS D 95 10.10 -19.32 -0.94
N SER D 96 11.05 -18.50 -0.46
CA SER D 96 12.07 -18.93 0.51
C SER D 96 11.47 -19.67 1.69
N GLU D 97 10.47 -19.03 2.30
CA GLU D 97 9.69 -19.62 3.35
C GLU D 97 9.23 -21.02 3.07
N ARG D 98 9.05 -21.45 1.83
CA ARG D 98 8.61 -22.79 1.63
C ARG D 98 9.80 -23.60 1.33
N ARG D 99 10.74 -22.98 0.65
CA ARG D 99 11.98 -23.63 0.32
C ARG D 99 12.73 -24.02 1.57
N THR D 100 12.75 -23.21 2.65
CA THR D 100 13.52 -23.55 3.83
C THR D 100 12.66 -24.28 4.88
N TYR D 101 11.67 -23.57 5.41
CA TYR D 101 10.80 -24.11 6.38
C TYR D 101 10.11 -25.34 5.85
N HIS D 102 9.77 -25.47 4.58
CA HIS D 102 9.08 -26.67 4.19
C HIS D 102 9.82 -27.51 3.23
N LYS D 103 11.14 -27.36 3.28
CA LYS D 103 12.07 -28.03 2.39
C LYS D 103 11.65 -28.39 0.97
N GLU D 104 10.94 -27.44 0.36
CA GLU D 104 10.40 -27.56 -0.97
C GLU D 104 11.54 -27.47 -1.98
N SER D 105 11.82 -28.52 -2.72
CA SER D 105 12.93 -28.54 -3.70
C SER D 105 12.71 -27.79 -5.02
N ASP D 106 13.80 -27.65 -5.79
CA ASP D 106 13.71 -27.04 -7.08
C ASP D 106 12.92 -27.95 -7.98
N GLU D 107 13.19 -29.25 -7.97
CA GLU D 107 12.49 -30.22 -8.82
C GLU D 107 10.99 -30.10 -8.58
N LEU D 108 10.67 -29.98 -7.28
CA LEU D 108 9.29 -29.91 -6.85
C LEU D 108 8.66 -28.57 -7.30
N ILE D 109 9.38 -27.46 -7.13
CA ILE D 109 8.81 -26.19 -7.53
C ILE D 109 8.62 -26.12 -9.06
N ALA D 110 9.39 -26.82 -9.89
CA ALA D 110 9.26 -26.83 -11.34
C ALA D 110 7.98 -27.52 -11.77
N LYS D 111 7.71 -28.69 -11.17
CA LYS D 111 6.52 -29.47 -11.40
C LYS D 111 5.35 -28.67 -10.88
N LYS D 112 5.44 -27.81 -9.87
CA LYS D 112 4.24 -27.06 -9.49
C LYS D 112 3.98 -26.02 -10.53
N PHE D 113 5.07 -25.40 -11.03
CA PHE D 113 5.05 -24.47 -12.14
C PHE D 113 4.23 -25.04 -13.28
N ALA D 114 4.63 -26.24 -13.74
CA ALA D 114 3.98 -27.04 -14.77
C ALA D 114 2.50 -27.26 -14.51
N VAL D 115 2.17 -27.85 -13.37
CA VAL D 115 0.77 -27.99 -12.96
C VAL D 115 -0.06 -26.72 -13.15
N LEU D 116 0.45 -25.58 -12.72
CA LEU D 116 -0.24 -24.32 -12.81
C LEU D 116 -0.42 -23.93 -14.24
N LYS D 117 0.65 -24.07 -15.01
CA LYS D 117 0.58 -23.65 -16.39
C LYS D 117 -0.46 -24.51 -17.10
N GLU D 118 -0.36 -25.81 -17.09
CA GLU D 118 -1.37 -26.69 -17.68
C GLU D 118 -2.80 -26.36 -17.24
N GLN D 119 -3.01 -25.74 -16.09
CA GLN D 119 -4.34 -25.36 -15.67
C GLN D 119 -4.78 -23.99 -16.07
N GLY D 120 -3.89 -23.22 -16.62
CA GLY D 120 -4.20 -21.89 -17.06
C GLY D 120 -3.99 -20.85 -15.95
N LEU D 121 -3.10 -21.12 -15.00
CA LEU D 121 -2.82 -20.17 -13.95
C LEU D 121 -1.48 -19.50 -14.24
N THR D 122 -1.27 -18.34 -13.62
CA THR D 122 -0.03 -17.60 -13.83
C THR D 122 0.84 -18.00 -12.62
N PRO D 123 1.93 -18.77 -12.76
CA PRO D 123 2.90 -18.92 -11.67
C PRO D 123 3.62 -17.63 -11.28
N VAL D 124 4.00 -17.35 -10.00
CA VAL D 124 4.82 -16.21 -9.65
C VAL D 124 5.98 -16.98 -9.07
N LEU D 125 6.96 -17.47 -9.85
CA LEU D 125 8.13 -18.18 -9.35
C LEU D 125 8.98 -17.20 -8.58
N CYS D 126 9.23 -17.53 -7.33
CA CYS D 126 10.09 -16.78 -6.45
C CYS D 126 11.47 -17.33 -6.54
N ILE D 127 12.45 -16.45 -6.62
CA ILE D 127 13.84 -16.87 -6.61
C ILE D 127 14.58 -15.85 -5.81
N GLY D 128 15.83 -16.18 -5.55
CA GLY D 128 16.73 -15.33 -4.77
C GLY D 128 17.91 -16.11 -4.23
N GLU D 129 18.83 -15.49 -3.50
CA GLU D 129 19.99 -16.14 -2.87
C GLU D 129 20.10 -15.67 -1.41
N THR D 130 20.94 -16.38 -0.64
CA THR D 130 21.05 -16.06 0.78
C THR D 130 22.18 -15.09 0.96
N GLU D 131 22.24 -14.31 2.05
CA GLU D 131 23.36 -13.42 2.30
C GLU D 131 24.68 -14.18 2.14
N ALA D 132 24.82 -15.41 2.65
CA ALA D 132 26.01 -16.21 2.42
C ALA D 132 26.30 -16.52 0.96
N GLU D 133 25.32 -16.90 0.12
CA GLU D 133 25.54 -17.17 -1.31
C GLU D 133 25.84 -15.87 -2.05
N ASN D 134 25.38 -14.78 -1.44
CA ASN D 134 25.63 -13.44 -1.92
C ASN D 134 27.09 -13.09 -1.68
N GLU D 135 27.59 -13.12 -0.42
CA GLU D 135 28.99 -12.84 -0.03
C GLU D 135 29.94 -13.72 -0.81
N ALA D 136 29.59 -14.99 -0.92
CA ALA D 136 30.33 -15.94 -1.71
C ALA D 136 30.35 -15.69 -3.22
N GLY D 137 29.50 -14.80 -3.76
CA GLY D 137 29.43 -14.50 -5.20
C GLY D 137 28.60 -15.49 -6.02
N LYS D 138 27.79 -16.31 -5.35
CA LYS D 138 26.98 -17.32 -6.01
C LYS D 138 25.63 -16.81 -6.57
N THR D 139 25.23 -15.53 -6.41
CA THR D 139 23.92 -14.99 -6.79
C THR D 139 23.46 -15.30 -8.21
N GLU D 140 24.38 -15.16 -9.16
CA GLU D 140 24.12 -15.43 -10.55
C GLU D 140 23.79 -16.91 -10.55
N GLU D 141 24.70 -17.74 -10.05
CA GLU D 141 24.55 -19.19 -9.98
C GLU D 141 23.23 -19.69 -9.38
N VAL D 142 22.95 -19.27 -8.15
CA VAL D 142 21.71 -19.59 -7.47
C VAL D 142 20.54 -19.26 -8.39
N CYS D 143 20.35 -17.98 -8.77
CA CYS D 143 19.25 -17.57 -9.63
C CYS D 143 19.19 -18.38 -10.91
N ALA D 144 20.31 -18.51 -11.62
CA ALA D 144 20.32 -19.24 -12.89
C ALA D 144 19.83 -20.66 -12.70
N ARG D 145 20.29 -21.34 -11.62
CA ARG D 145 19.92 -22.72 -11.27
C ARG D 145 18.40 -22.88 -11.06
N GLN D 146 17.90 -22.02 -10.21
CA GLN D 146 16.50 -21.99 -9.86
C GLN D 146 15.59 -21.73 -11.04
N ILE D 147 16.03 -20.88 -11.97
CA ILE D 147 15.33 -20.62 -13.23
C ILE D 147 15.58 -21.83 -14.11
N ASP D 148 16.78 -22.42 -14.13
CA ASP D 148 17.04 -23.55 -14.99
C ASP D 148 16.26 -24.79 -14.73
N ALA D 149 15.69 -24.91 -13.54
CA ALA D 149 14.87 -26.04 -13.17
C ALA D 149 13.65 -26.12 -14.06
N VAL D 150 13.08 -24.96 -14.39
CA VAL D 150 11.87 -24.93 -15.20
C VAL D 150 12.33 -24.84 -16.63
N LEU D 151 13.31 -23.97 -16.83
CA LEU D 151 13.84 -23.66 -18.12
C LEU D 151 14.35 -24.87 -18.87
N LYS D 152 15.21 -25.64 -18.25
CA LYS D 152 15.81 -26.75 -18.94
C LYS D 152 14.82 -27.89 -19.04
N THR D 153 13.80 -27.98 -18.20
CA THR D 153 12.93 -29.12 -18.27
C THR D 153 11.71 -28.89 -19.13
N GLN D 154 11.16 -27.69 -18.94
CA GLN D 154 9.99 -27.22 -19.62
C GLN D 154 10.20 -26.35 -20.85
N GLY D 155 11.39 -25.74 -20.99
CA GLY D 155 11.67 -24.87 -22.13
C GLY D 155 11.20 -23.43 -21.86
N ALA D 156 11.65 -22.51 -22.74
CA ALA D 156 11.42 -21.10 -22.55
C ALA D 156 9.95 -20.77 -22.67
N ALA D 157 9.26 -21.55 -23.50
CA ALA D 157 7.83 -21.38 -23.63
C ALA D 157 7.04 -21.43 -22.33
N ALA D 158 7.61 -22.07 -21.28
CA ALA D 158 6.98 -22.18 -19.99
C ALA D 158 6.83 -20.83 -19.28
N PHE D 159 7.64 -19.82 -19.63
CA PHE D 159 7.54 -18.52 -19.04
C PHE D 159 6.59 -17.66 -19.81
N GLU D 160 5.94 -18.15 -20.86
CA GLU D 160 5.06 -17.27 -21.59
C GLU D 160 3.86 -17.18 -20.65
N GLY D 161 3.74 -15.93 -20.18
CA GLY D 161 2.67 -15.58 -19.29
C GLY D 161 3.00 -15.86 -17.84
N ALA D 162 4.25 -16.10 -17.43
CA ALA D 162 4.56 -16.38 -16.05
C ALA D 162 5.22 -15.15 -15.47
N VAL D 163 5.43 -15.23 -14.14
CA VAL D 163 6.03 -14.16 -13.35
C VAL D 163 7.21 -14.80 -12.60
N ILE D 164 8.19 -13.95 -12.35
CA ILE D 164 9.40 -14.30 -11.62
C ILE D 164 9.52 -13.17 -10.60
N ALA D 165 9.75 -13.51 -9.35
CA ALA D 165 9.82 -12.51 -8.32
C ALA D 165 11.19 -12.78 -7.67
N TYR D 166 12.11 -11.83 -7.82
CA TYR D 166 13.44 -11.96 -7.23
C TYR D 166 13.37 -11.36 -5.84
N GLU D 167 13.33 -12.28 -4.86
CA GLU D 167 13.29 -11.96 -3.44
C GLU D 167 14.61 -12.52 -2.92
N PRO D 168 15.59 -11.59 -2.77
CA PRO D 168 16.88 -11.95 -2.18
C PRO D 168 16.49 -12.31 -0.74
N VAL D 169 16.90 -13.52 -0.30
CA VAL D 169 16.54 -14.02 1.03
C VAL D 169 16.93 -13.01 2.13
N TRP D 170 18.19 -12.57 2.19
CA TRP D 170 18.63 -11.55 3.13
C TRP D 170 17.81 -10.29 3.14
N ALA D 171 16.87 -10.07 2.22
CA ALA D 171 16.05 -8.87 2.17
C ALA D 171 14.63 -9.08 2.66
N ILE D 172 14.23 -10.32 2.87
CA ILE D 172 12.83 -10.58 3.16
C ILE D 172 12.60 -10.30 4.61
N GLY D 173 11.71 -9.36 4.93
CA GLY D 173 11.40 -9.01 6.29
C GLY D 173 12.60 -8.51 7.06
N THR D 174 13.76 -8.26 6.48
CA THR D 174 14.91 -7.80 7.22
C THR D 174 14.86 -6.31 7.36
N GLY D 175 14.22 -5.61 6.42
CA GLY D 175 14.22 -4.15 6.36
C GLY D 175 15.30 -3.64 5.39
N LYS D 176 16.09 -4.60 4.93
CA LYS D 176 17.26 -4.42 4.16
C LYS D 176 16.82 -4.81 2.76
N SER D 177 16.27 -3.90 1.96
CA SER D 177 15.99 -4.19 0.55
C SER D 177 17.25 -4.21 -0.32
N ALA D 178 17.13 -4.52 -1.60
CA ALA D 178 18.27 -4.39 -2.50
C ALA D 178 18.35 -2.92 -2.92
N THR D 179 19.56 -2.46 -3.26
CA THR D 179 19.64 -1.13 -3.81
C THR D 179 19.18 -1.31 -5.23
N PRO D 180 18.62 -0.26 -5.84
CA PRO D 180 18.11 -0.28 -7.21
C PRO D 180 19.13 -0.90 -8.17
N ALA D 181 20.36 -0.50 -7.88
CA ALA D 181 21.52 -0.92 -8.58
C ALA D 181 21.67 -2.41 -8.50
N GLN D 182 21.60 -2.97 -7.28
CA GLN D 182 21.69 -4.42 -7.09
C GLN D 182 20.55 -5.15 -7.82
N ALA D 183 19.35 -4.63 -7.56
CA ALA D 183 18.12 -5.16 -8.08
C ALA D 183 18.20 -5.35 -9.56
N GLN D 184 18.62 -4.24 -10.19
CA GLN D 184 18.69 -4.14 -11.62
C GLN D 184 19.70 -5.09 -12.21
N ALA D 185 20.82 -5.28 -11.56
CA ALA D 185 21.84 -6.16 -12.12
C ALA D 185 21.33 -7.58 -12.19
N VAL D 186 20.46 -7.95 -11.23
CA VAL D 186 20.08 -9.33 -11.18
C VAL D 186 18.90 -9.45 -12.12
N HIS D 187 18.00 -8.45 -12.19
CA HIS D 187 16.85 -8.52 -13.08
C HIS D 187 17.29 -8.57 -14.54
N LYS D 188 18.28 -7.79 -14.93
CA LYS D 188 18.90 -7.87 -16.25
C LYS D 188 19.51 -9.26 -16.40
N PHE D 189 20.23 -9.80 -15.40
CA PHE D 189 20.80 -11.10 -15.55
C PHE D 189 19.75 -12.19 -15.82
N ILE D 190 18.66 -12.24 -15.07
CA ILE D 190 17.56 -13.20 -15.21
C ILE D 190 17.00 -13.13 -16.62
N ARG D 191 16.88 -11.88 -17.08
CA ARG D 191 16.31 -11.57 -18.37
C ARG D 191 17.20 -12.13 -19.47
N ASP D 192 18.47 -11.70 -19.47
CA ASP D 192 19.50 -12.21 -20.36
C ASP D 192 19.57 -13.72 -20.40
N HIS D 193 19.51 -14.37 -19.24
CA HIS D 193 19.54 -15.82 -19.17
C HIS D 193 18.48 -16.50 -20.01
N ILE D 194 17.23 -16.00 -19.95
CA ILE D 194 16.08 -16.61 -20.61
C ILE D 194 16.23 -16.29 -22.07
N ALA D 195 16.53 -15.01 -22.31
CA ALA D 195 16.85 -14.47 -23.61
C ALA D 195 17.93 -15.23 -24.39
N LYS D 196 18.94 -15.82 -23.76
CA LYS D 196 19.88 -16.68 -24.47
C LYS D 196 19.11 -17.79 -25.16
N VAL D 197 18.06 -18.25 -24.50
CA VAL D 197 17.27 -19.35 -25.00
C VAL D 197 16.18 -18.84 -25.92
N ASP D 198 15.53 -17.74 -25.59
CA ASP D 198 14.49 -17.23 -26.45
C ASP D 198 14.36 -15.82 -25.98
N ALA D 199 14.71 -14.94 -26.89
CA ALA D 199 14.66 -13.52 -26.63
C ALA D 199 13.24 -13.02 -26.50
N ASN D 200 12.43 -13.51 -27.40
CA ASN D 200 11.05 -13.08 -27.51
C ASN D 200 10.23 -13.28 -26.22
N ILE D 201 10.42 -14.44 -25.60
CA ILE D 201 9.78 -14.78 -24.35
C ILE D 201 10.43 -13.88 -23.29
N ALA D 202 11.76 -13.64 -23.30
CA ALA D 202 12.40 -12.82 -22.30
C ALA D 202 11.89 -11.41 -22.34
N GLU D 203 11.38 -10.98 -23.48
CA GLU D 203 10.92 -9.63 -23.54
C GLU D 203 9.63 -9.45 -22.84
N GLN D 204 8.81 -10.51 -22.71
CA GLN D 204 7.52 -10.42 -22.05
C GLN D 204 7.40 -10.84 -20.56
N VAL D 205 8.45 -11.47 -19.99
CA VAL D 205 8.33 -11.97 -18.66
C VAL D 205 8.49 -10.85 -17.68
N ILE D 206 7.55 -10.81 -16.74
CA ILE D 206 7.48 -9.85 -15.66
C ILE D 206 8.47 -10.33 -14.60
N ILE D 207 9.51 -9.53 -14.21
CA ILE D 207 10.40 -9.90 -13.13
C ILE D 207 10.09 -8.82 -12.10
N GLN D 208 9.35 -9.27 -11.08
CA GLN D 208 9.01 -8.44 -9.94
C GLN D 208 10.16 -8.45 -8.93
N TYR D 209 10.31 -7.44 -8.09
CA TYR D 209 11.34 -7.53 -7.09
C TYR D 209 10.65 -7.72 -5.74
N GLY D 210 11.31 -8.44 -4.82
CA GLY D 210 10.74 -8.53 -3.50
C GLY D 210 11.78 -8.55 -2.39
N GLY D 211 11.44 -7.93 -1.27
CA GLY D 211 12.29 -7.96 -0.10
C GLY D 211 12.32 -6.58 0.49
N SER D 212 11.57 -6.44 1.56
CA SER D 212 11.45 -5.18 2.22
C SER D 212 11.08 -4.03 1.29
N VAL D 213 10.01 -4.11 0.51
CA VAL D 213 9.59 -3.04 -0.38
C VAL D 213 8.44 -2.31 0.32
N ASN D 214 8.56 -1.00 0.43
CA ASN D 214 7.63 -0.14 1.09
C ASN D 214 7.37 1.10 0.27
N ALA D 215 6.55 2.04 0.74
CA ALA D 215 6.32 3.26 0.00
C ALA D 215 7.57 4.13 -0.24
N SER D 216 8.54 4.18 0.67
CA SER D 216 9.82 4.90 0.51
C SER D 216 10.76 4.36 -0.57
N ASN D 217 10.80 3.05 -0.81
CA ASN D 217 11.66 2.53 -1.85
C ASN D 217 11.05 2.11 -3.22
N ALA D 218 9.73 1.94 -3.31
CA ALA D 218 8.99 1.66 -4.56
C ALA D 218 9.45 2.49 -5.76
N ALA D 219 9.33 3.81 -5.70
CA ALA D 219 9.81 4.75 -6.73
C ALA D 219 11.21 4.61 -7.34
N GLU D 220 12.28 4.64 -6.53
CA GLU D 220 13.65 4.52 -7.01
C GLU D 220 13.90 3.14 -7.60
N LEU D 221 13.26 2.13 -7.02
CA LEU D 221 13.40 0.77 -7.48
C LEU D 221 12.62 0.55 -8.75
N PHE D 222 11.39 1.00 -8.82
CA PHE D 222 10.60 0.88 -10.03
C PHE D 222 11.25 1.57 -11.25
N ALA D 223 12.06 2.63 -11.05
CA ALA D 223 12.73 3.32 -12.15
C ALA D 223 13.71 2.48 -12.93
N GLN D 224 14.07 1.36 -12.40
CA GLN D 224 14.98 0.49 -13.06
C GLN D 224 14.22 -0.13 -14.19
N HIS D 225 15.06 -0.66 -15.01
CA HIS D 225 14.65 -0.93 -16.35
C HIS D 225 14.00 -2.30 -16.42
N ASP D 226 14.60 -3.22 -15.71
CA ASP D 226 14.13 -4.56 -15.76
C ASP D 226 13.36 -4.93 -14.51
N VAL D 227 12.92 -3.93 -13.69
CA VAL D 227 12.20 -4.20 -12.45
C VAL D 227 10.80 -3.95 -12.93
N ASP D 228 9.97 -4.99 -12.90
CA ASP D 228 8.70 -4.92 -13.61
C ASP D 228 7.48 -4.85 -12.74
N GLY D 229 7.62 -4.67 -11.44
CA GLY D 229 6.53 -4.76 -10.49
C GLY D 229 7.09 -5.23 -9.16
N PHE D 230 6.28 -5.52 -8.17
CA PHE D 230 6.78 -5.83 -6.84
C PHE D 230 5.98 -6.94 -6.21
N LEU D 231 6.68 -7.87 -5.57
CA LEU D 231 6.01 -8.85 -4.74
C LEU D 231 6.10 -8.19 -3.38
N VAL D 232 5.02 -7.59 -2.92
CA VAL D 232 5.05 -6.92 -1.62
C VAL D 232 4.57 -7.90 -0.56
N GLY D 233 5.34 -8.03 0.50
CA GLY D 233 5.05 -8.83 1.67
C GLY D 233 4.43 -7.98 2.76
N GLY D 234 5.12 -7.67 3.84
CA GLY D 234 4.57 -6.99 5.00
C GLY D 234 3.72 -5.77 4.73
N ALA D 235 4.10 -4.88 3.82
CA ALA D 235 3.32 -3.69 3.54
C ALA D 235 1.98 -3.98 2.87
N SER D 236 1.72 -5.22 2.37
CA SER D 236 0.42 -5.67 1.84
C SER D 236 -0.75 -5.39 2.79
N LEU D 237 -0.52 -5.41 4.10
CA LEU D 237 -1.64 -5.31 5.02
C LEU D 237 -1.69 -3.93 5.65
N LYS D 238 -0.88 -3.05 5.06
CA LYS D 238 -0.78 -1.69 5.51
C LYS D 238 -1.38 -0.89 4.38
N PRO D 239 -1.97 0.29 4.58
CA PRO D 239 -2.60 1.07 3.49
C PRO D 239 -1.58 1.59 2.45
N GLU D 240 -0.34 1.60 2.90
CA GLU D 240 0.82 2.00 2.17
C GLU D 240 1.05 1.20 0.87
N PHE D 241 0.30 0.13 0.71
CA PHE D 241 0.34 -0.71 -0.48
C PHE D 241 -0.20 0.07 -1.67
N VAL D 242 -1.23 0.91 -1.47
CA VAL D 242 -1.79 1.72 -2.56
C VAL D 242 -0.72 2.64 -3.11
N ASP D 243 0.11 3.16 -2.19
CA ASP D 243 1.17 4.07 -2.56
C ASP D 243 2.24 3.39 -3.38
N ILE D 244 2.59 2.18 -2.96
CA ILE D 244 3.51 1.31 -3.65
C ILE D 244 2.89 1.13 -5.02
N ILE D 245 1.58 0.86 -5.16
CA ILE D 245 0.97 0.72 -6.48
C ILE D 245 1.00 2.04 -7.25
N ASN D 246 0.87 3.22 -6.66
CA ASN D 246 0.94 4.44 -7.45
C ASN D 246 2.35 4.67 -8.01
N ALA D 247 3.41 4.25 -7.32
CA ALA D 247 4.72 4.32 -7.87
C ALA D 247 4.79 3.55 -9.20
N ALA D 248 4.24 2.34 -9.24
CA ALA D 248 4.24 1.56 -10.47
C ALA D 248 3.38 2.25 -11.52
N GLU D 249 2.23 2.76 -11.13
CA GLU D 249 1.28 3.34 -12.07
C GLU D 249 1.78 4.52 -12.88
N ALA D 250 2.03 5.55 -12.09
CA ALA D 250 2.48 6.83 -12.60
C ALA D 250 3.79 6.67 -13.36
N ALA D 251 4.75 5.93 -12.80
CA ALA D 251 6.02 5.76 -13.46
C ALA D 251 5.87 4.98 -14.76
N LYS D 252 4.98 4.00 -14.79
CA LYS D 252 4.72 3.28 -16.01
C LYS D 252 4.28 4.30 -17.07
N GLN D 253 3.28 5.13 -16.72
CA GLN D 253 2.76 6.14 -17.63
C GLN D 253 3.67 7.38 -17.60
N ALA D 254 4.98 7.17 -17.73
CA ALA D 254 5.98 8.24 -17.71
C ALA D 254 5.82 9.18 -18.90
S SO4 E . 12.61 33.99 14.87
O1 SO4 E . 12.35 34.26 13.51
O2 SO4 E . 13.82 33.21 14.96
O3 SO4 E . 11.53 33.27 15.44
O4 SO4 E . 12.75 35.25 15.55
S SO4 F . -9.10 16.58 -17.78
O1 SO4 F . -8.24 16.41 -16.64
O2 SO4 F . -8.35 17.08 -18.92
O3 SO4 F . -10.09 17.55 -17.43
O4 SO4 F . -9.69 15.34 -18.18
S SO4 G . -12.33 -44.78 1.86
O1 SO4 G . -11.89 -43.55 1.27
O2 SO4 G . -13.55 -44.53 2.60
O3 SO4 G . -11.29 -45.28 2.74
O4 SO4 G . -12.58 -45.79 0.87
S SO4 H . 8.91 -8.13 3.52
O1 SO4 H . 8.22 -9.24 4.08
O2 SO4 H . 8.03 -7.34 2.70
O3 SO4 H . 9.94 -8.68 2.70
O4 SO4 H . 9.41 -7.30 4.57
#